data_4HV4
#
_entry.id   4HV4
#
_cell.length_a   66.534
_cell.length_b   78.021
_cell.length_c   183.296
_cell.angle_alpha   90.00
_cell.angle_beta   90.00
_cell.angle_gamma   90.00
#
_symmetry.space_group_name_H-M   'P 21 21 21'
#
loop_
_entity.id
_entity.type
_entity.pdbx_description
1 polymer 'UDP-N-acetylmuramate--L-alanine ligase'
2 non-polymer 'ADENOSINE MONOPHOSPHATE'
3 non-polymer BETA-MERCAPTOETHANOL
4 water water
#
_entity_poly.entity_id   1
_entity_poly.type   'polypeptide(L)'
_entity_poly.pdbx_seq_one_letter_code
;SNAMNTQQLAKLRTIVPEMRRVRHIHFVGIGGAGMGGIAEVLANEGYQISGSDLAPNSVTQHLTALGAQIYFHHRPENVL
DASVVVVSTAISADNPEIVAAREARIPVIRRAEMLAELMRYRHGIAVAGTHGKTTTTAMLSSIYAEAGLDPTFVNGGLVK
AAGTHARLGSSRYLIAEADESDASFLHLQPMVAIVTNIEADHMDTYQGDFENLKQTFINFLHNLPFYGRAVMCIDDPVVR
ELLPRVGRHITTYGFSDDADVQIASYRQEGPQGHFTLRRQDKPLIEVTLNAPGRHNALNAAAAVAVATEEGIEDEDILRA
LVGFQGTGRRFDFLGNFPLAPVNGKEGSAMLVDDYGHHPTEVDATIKAARAGWPDKRIVMLFQPHRYTRTRDLYDDFANV
LSQVDVLLMLDVYAAGEPPIPGADSRALCRTIRNRGKLDPILVPDSESAPEMLAQILNGEDLILVQGAGNIGKIARKLAE
HKLQPQLKDEEHHG
;
_entity_poly.pdbx_strand_id   A,B
#
loop_
_chem_comp.id
_chem_comp.type
_chem_comp.name
_chem_comp.formula
AMP non-polymer 'ADENOSINE MONOPHOSPHATE' 'C10 H14 N5 O7 P'
BME non-polymer BETA-MERCAPTOETHANOL 'C2 H6 O S'
#
# COMPACT_ATOMS: atom_id res chain seq x y z
N VAL A 22 -22.62 -22.57 -4.36
CA VAL A 22 -21.39 -22.16 -3.61
C VAL A 22 -21.30 -22.88 -2.26
N ARG A 23 -20.10 -23.36 -1.94
CA ARG A 23 -19.92 -24.10 -0.70
C ARG A 23 -18.79 -23.65 0.20
N HIS A 24 -17.64 -23.34 -0.38
CA HIS A 24 -16.46 -23.01 0.41
C HIS A 24 -15.85 -21.62 0.11
N ILE A 25 -16.02 -20.70 1.06
CA ILE A 25 -15.51 -19.34 0.94
C ILE A 25 -14.24 -19.22 1.79
N HIS A 26 -13.15 -18.73 1.19
CA HIS A 26 -11.88 -18.54 1.90
C HIS A 26 -11.51 -17.05 1.97
N PHE A 27 -11.17 -16.57 3.15
CA PHE A 27 -10.81 -15.18 3.41
C PHE A 27 -9.32 -14.95 3.72
N VAL A 28 -8.62 -14.19 2.87
CA VAL A 28 -7.22 -13.85 3.12
C VAL A 28 -7.21 -12.59 3.99
N GLY A 29 -6.86 -12.73 5.26
CA GLY A 29 -6.86 -11.62 6.24
C GLY A 29 -8.16 -11.69 7.04
N ILE A 30 -8.67 -12.89 7.24
CA ILE A 30 -9.95 -13.09 7.93
C ILE A 30 -10.03 -12.46 9.32
N GLY A 31 -8.89 -12.18 9.93
CA GLY A 31 -8.85 -11.65 11.29
C GLY A 31 -9.20 -10.19 11.50
N GLY A 32 -9.15 -9.40 10.44
CA GLY A 32 -9.45 -7.99 10.55
C GLY A 32 -10.95 -7.64 10.56
N ALA A 33 -11.22 -6.39 10.96
CA ALA A 33 -12.56 -5.85 10.95
C ALA A 33 -12.93 -5.75 9.46
N GLY A 34 -14.19 -5.99 9.15
CA GLY A 34 -14.61 -6.01 7.76
C GLY A 34 -14.73 -7.47 7.33
N MET A 35 -13.59 -8.14 7.23
CA MET A 35 -13.55 -9.55 6.79
C MET A 35 -14.23 -10.52 7.76
N GLY A 36 -13.99 -10.30 9.06
CA GLY A 36 -14.49 -11.12 10.14
C GLY A 36 -15.99 -11.20 10.28
N GLY A 37 -16.68 -10.06 10.16
CA GLY A 37 -18.13 -10.01 10.24
C GLY A 37 -18.79 -10.76 9.09
N ILE A 38 -18.28 -10.54 7.90
CA ILE A 38 -18.80 -11.17 6.73
C ILE A 38 -18.66 -12.68 6.87
N ALA A 39 -17.49 -13.15 7.28
CA ALA A 39 -17.22 -14.59 7.45
C ALA A 39 -18.17 -15.20 8.48
N GLU A 40 -18.43 -14.44 9.54
CA GLU A 40 -19.33 -14.89 10.59
C GLU A 40 -20.77 -15.00 10.11
N VAL A 41 -21.23 -14.08 9.28
CA VAL A 41 -22.60 -14.18 8.79
C VAL A 41 -22.73 -15.38 7.85
N LEU A 42 -21.76 -15.56 6.97
CA LEU A 42 -21.75 -16.67 6.02
C LEU A 42 -21.65 -18.01 6.75
N ALA A 43 -20.93 -18.07 7.88
CA ALA A 43 -20.83 -19.32 8.67
C ALA A 43 -22.22 -19.73 9.20
N ASN A 44 -22.91 -18.76 9.79
CA ASN A 44 -24.22 -18.98 10.33
C ASN A 44 -25.24 -19.32 9.25
N GLU A 45 -24.97 -18.97 8.00
CA GLU A 45 -25.87 -19.35 6.93
C GLU A 45 -25.53 -20.76 6.44
N GLY A 46 -24.52 -21.41 7.03
CA GLY A 46 -24.16 -22.81 6.64
C GLY A 46 -23.07 -23.03 5.61
N TYR A 47 -22.47 -21.96 5.10
CA TYR A 47 -21.39 -22.12 4.12
C TYR A 47 -20.14 -22.63 4.82
N GLN A 48 -19.27 -23.30 4.07
CA GLN A 48 -18.01 -23.77 4.63
C GLN A 48 -17.10 -22.55 4.59
N ILE A 49 -16.39 -22.30 5.68
CA ILE A 49 -15.50 -21.15 5.80
C ILE A 49 -14.04 -21.48 6.12
N SER A 50 -13.11 -20.91 5.35
CA SER A 50 -11.67 -21.04 5.54
C SER A 50 -11.10 -19.62 5.63
N GLY A 51 -9.89 -19.49 6.19
CA GLY A 51 -9.26 -18.17 6.30
C GLY A 51 -7.78 -18.21 6.69
N SER A 52 -7.15 -17.05 6.64
CA SER A 52 -5.75 -16.91 7.01
C SER A 52 -5.49 -15.54 7.64
N ASP A 53 -4.53 -15.49 8.56
CA ASP A 53 -4.16 -14.22 9.16
C ASP A 53 -2.89 -14.43 9.99
N LEU A 54 -2.00 -13.46 9.92
CA LEU A 54 -0.74 -13.56 10.65
C LEU A 54 -0.94 -13.41 12.14
N ALA A 55 -1.95 -12.66 12.55
CA ALA A 55 -2.20 -12.40 13.97
C ALA A 55 -3.54 -12.90 14.53
N PRO A 56 -3.61 -14.17 14.98
CA PRO A 56 -4.83 -14.73 15.59
C PRO A 56 -5.37 -13.82 16.70
N ASN A 57 -6.69 -13.64 16.76
CA ASN A 57 -7.33 -12.79 17.77
C ASN A 57 -8.71 -13.32 18.18
N SER A 58 -9.49 -12.52 18.92
CA SER A 58 -10.82 -12.94 19.37
C SER A 58 -11.75 -13.31 18.20
N VAL A 59 -11.62 -12.59 17.10
CA VAL A 59 -12.42 -12.85 15.90
C VAL A 59 -12.04 -14.18 15.25
N THR A 60 -10.75 -14.47 15.14
CA THR A 60 -10.35 -15.73 14.55
C THR A 60 -10.72 -16.92 15.45
N GLN A 61 -10.72 -16.72 16.78
CA GLN A 61 -11.08 -17.82 17.71
C GLN A 61 -12.55 -18.15 17.56
N HIS A 62 -13.35 -17.10 17.55
N HIS A 62 -13.41 -17.15 17.57
CA HIS A 62 -14.80 -17.21 17.40
CA HIS A 62 -14.83 -17.45 17.44
C HIS A 62 -15.17 -17.90 16.09
C HIS A 62 -15.14 -18.04 16.07
N LEU A 63 -14.40 -17.66 15.04
CA LEU A 63 -14.66 -18.23 13.72
C LEU A 63 -14.32 -19.71 13.75
N THR A 64 -13.27 -20.07 14.47
CA THR A 64 -12.88 -21.45 14.62
C THR A 64 -13.94 -22.15 15.47
N ALA A 65 -14.56 -21.42 16.40
CA ALA A 65 -15.62 -22.00 17.22
C ALA A 65 -16.79 -22.39 16.34
N LEU A 66 -17.08 -21.55 15.34
CA LEU A 66 -18.18 -21.79 14.42
C LEU A 66 -17.90 -22.84 13.32
N GLY A 67 -16.71 -23.41 13.30
CA GLY A 67 -16.41 -24.44 12.29
C GLY A 67 -15.48 -24.00 11.17
N ALA A 68 -15.01 -22.76 11.22
CA ALA A 68 -14.09 -22.31 10.18
C ALA A 68 -12.67 -22.83 10.43
N GLN A 69 -11.91 -23.02 9.35
N GLN A 69 -11.91 -22.99 9.35
CA GLN A 69 -10.52 -23.46 9.44
CA GLN A 69 -10.54 -23.44 9.43
C GLN A 69 -9.63 -22.24 9.22
C GLN A 69 -9.61 -22.25 9.22
N ILE A 70 -8.91 -21.83 10.25
CA ILE A 70 -8.01 -20.66 10.15
C ILE A 70 -6.53 -21.05 10.19
N TYR A 71 -5.73 -20.45 9.31
CA TYR A 71 -4.29 -20.69 9.25
C TYR A 71 -3.59 -19.41 9.71
N PHE A 72 -2.51 -19.50 10.49
CA PHE A 72 -1.84 -18.29 10.96
C PHE A 72 -0.59 -17.97 10.16
N HIS A 73 -0.69 -18.15 8.85
CA HIS A 73 0.40 -17.94 7.93
C HIS A 73 -0.17 -17.81 6.52
N HIS A 74 0.59 -17.22 5.61
CA HIS A 74 0.12 -17.11 4.22
C HIS A 74 0.92 -18.05 3.32
N ARG A 75 0.32 -19.20 2.99
CA ARG A 75 0.95 -20.24 2.17
C ARG A 75 -0.02 -20.61 1.05
N PRO A 76 0.48 -21.08 -0.10
CA PRO A 76 -0.43 -21.44 -1.21
C PRO A 76 -1.40 -22.61 -0.95
N GLU A 77 -1.05 -23.53 -0.04
CA GLU A 77 -1.90 -24.70 0.26
C GLU A 77 -3.22 -24.29 0.92
N ASN A 78 -3.23 -23.11 1.51
CA ASN A 78 -4.41 -22.59 2.23
C ASN A 78 -5.69 -22.35 1.37
N VAL A 79 -5.53 -22.22 0.06
CA VAL A 79 -6.67 -21.96 -0.83
C VAL A 79 -7.28 -23.23 -1.47
N LEU A 80 -6.77 -24.39 -1.09
CA LEU A 80 -7.26 -25.65 -1.66
C LEU A 80 -8.79 -25.87 -1.54
N ASP A 81 -9.40 -26.25 -2.66
CA ASP A 81 -10.85 -26.53 -2.77
C ASP A 81 -11.79 -25.34 -2.55
N ALA A 82 -11.27 -24.12 -2.46
CA ALA A 82 -12.11 -22.93 -2.26
C ALA A 82 -13.00 -22.61 -3.47
N SER A 83 -14.26 -22.26 -3.20
CA SER A 83 -15.20 -21.90 -4.27
C SER A 83 -14.95 -20.46 -4.71
N VAL A 84 -14.33 -19.67 -3.82
CA VAL A 84 -14.03 -18.28 -4.05
C VAL A 84 -13.04 -17.79 -3.02
N VAL A 85 -12.22 -16.80 -3.38
CA VAL A 85 -11.28 -16.23 -2.41
C VAL A 85 -11.57 -14.76 -2.22
N VAL A 86 -11.78 -14.36 -0.98
CA VAL A 86 -12.09 -12.98 -0.64
C VAL A 86 -10.82 -12.36 -0.09
N VAL A 87 -10.55 -11.15 -0.55
CA VAL A 87 -9.35 -10.42 -0.22
C VAL A 87 -9.61 -8.99 0.24
N SER A 88 -8.91 -8.53 1.27
CA SER A 88 -9.07 -7.14 1.71
C SER A 88 -8.07 -6.32 0.92
N THR A 89 -8.29 -5.01 0.87
CA THR A 89 -7.38 -4.11 0.14
C THR A 89 -5.99 -4.01 0.81
N ALA A 90 -5.87 -4.44 2.07
CA ALA A 90 -4.60 -4.41 2.80
C ALA A 90 -3.64 -5.54 2.35
N ILE A 91 -4.16 -6.54 1.63
CA ILE A 91 -3.31 -7.63 1.17
C ILE A 91 -2.60 -7.22 -0.12
N SER A 92 -1.34 -7.61 -0.28
CA SER A 92 -0.60 -7.27 -1.50
C SER A 92 -0.78 -8.37 -2.57
N ALA A 93 -0.71 -7.96 -3.85
CA ALA A 93 -0.91 -8.86 -4.99
C ALA A 93 0.06 -10.05 -5.00
N ASP A 94 1.08 -9.93 -4.16
CA ASP A 94 2.15 -10.89 -4.04
C ASP A 94 1.81 -12.06 -3.10
N ASN A 95 0.75 -11.88 -2.31
CA ASN A 95 0.34 -12.89 -1.35
C ASN A 95 0.19 -14.23 -2.06
N PRO A 96 0.87 -15.27 -1.53
CA PRO A 96 0.79 -16.60 -2.18
C PRO A 96 -0.62 -17.15 -2.28
N GLU A 97 -1.51 -16.74 -1.39
CA GLU A 97 -2.86 -17.26 -1.44
C GLU A 97 -3.53 -16.78 -2.72
N ILE A 98 -3.36 -15.49 -3.00
CA ILE A 98 -3.92 -14.86 -4.21
C ILE A 98 -3.27 -15.46 -5.45
N VAL A 99 -1.95 -15.50 -5.46
CA VAL A 99 -1.19 -16.08 -6.56
C VAL A 99 -1.72 -17.49 -6.81
N ALA A 100 -1.76 -18.31 -5.75
CA ALA A 100 -2.23 -19.69 -5.89
C ALA A 100 -3.66 -19.77 -6.43
N ALA A 101 -4.49 -18.81 -6.05
CA ALA A 101 -5.89 -18.78 -6.46
C ALA A 101 -6.04 -18.60 -7.97
N ARG A 102 -5.35 -17.61 -8.52
CA ARG A 102 -5.41 -17.37 -9.97
C ARG A 102 -4.88 -18.57 -10.74
N GLU A 103 -3.73 -19.09 -10.31
CA GLU A 103 -3.16 -20.30 -10.93
C GLU A 103 -4.26 -21.34 -11.10
N ALA A 104 -5.08 -21.51 -10.06
CA ALA A 104 -6.14 -22.51 -10.06
C ALA A 104 -7.44 -22.02 -10.69
N ARG A 105 -7.45 -20.80 -11.21
CA ARG A 105 -8.64 -20.17 -11.82
C ARG A 105 -9.84 -20.11 -10.85
N ILE A 106 -9.55 -19.80 -9.60
CA ILE A 106 -10.55 -19.64 -8.56
C ILE A 106 -10.89 -18.16 -8.48
N PRO A 107 -12.18 -17.80 -8.68
CA PRO A 107 -12.54 -16.38 -8.58
C PRO A 107 -12.00 -15.70 -7.31
N VAL A 108 -11.43 -14.52 -7.47
CA VAL A 108 -10.93 -13.73 -6.36
C VAL A 108 -11.67 -12.40 -6.34
N ILE A 109 -12.37 -12.11 -5.25
CA ILE A 109 -13.09 -10.88 -5.12
C ILE A 109 -12.69 -10.10 -3.86
N ARG A 110 -13.04 -8.83 -3.82
CA ARG A 110 -12.75 -7.98 -2.68
C ARG A 110 -13.85 -8.06 -1.62
N ARG A 111 -13.48 -7.75 -0.40
CA ARG A 111 -14.43 -7.75 0.73
C ARG A 111 -15.76 -7.17 0.30
N ALA A 112 -15.71 -5.99 -0.31
CA ALA A 112 -16.90 -5.25 -0.77
C ALA A 112 -17.78 -5.96 -1.78
N GLU A 113 -17.20 -6.79 -2.63
CA GLU A 113 -18.02 -7.56 -3.55
C GLU A 113 -18.78 -8.61 -2.76
N MET A 114 -18.18 -9.19 -1.72
CA MET A 114 -18.89 -10.22 -0.93
C MET A 114 -20.00 -9.56 -0.10
N LEU A 115 -19.75 -8.36 0.41
CA LEU A 115 -20.77 -7.63 1.14
C LEU A 115 -21.93 -7.36 0.18
N ALA A 116 -21.61 -7.02 -1.07
CA ALA A 116 -22.62 -6.77 -2.11
C ALA A 116 -23.51 -7.99 -2.36
N GLU A 117 -22.91 -9.17 -2.30
CA GLU A 117 -23.65 -10.40 -2.47
C GLU A 117 -24.58 -10.68 -1.30
N LEU A 118 -24.20 -10.27 -0.09
CA LEU A 118 -25.10 -10.45 1.04
C LEU A 118 -26.30 -9.52 0.84
N MET A 119 -26.05 -8.37 0.21
CA MET A 119 -27.09 -7.36 -0.01
C MET A 119 -27.98 -7.66 -1.24
N ARG A 120 -27.46 -8.41 -2.18
CA ARG A 120 -28.19 -8.78 -3.42
C ARG A 120 -29.70 -9.04 -3.26
N TYR A 121 -30.08 -10.01 -2.45
CA TYR A 121 -31.49 -10.34 -2.28
C TYR A 121 -32.05 -9.84 -0.95
N ARG A 122 -31.49 -8.77 -0.41
CA ARG A 122 -31.97 -8.23 0.84
C ARG A 122 -32.35 -6.76 0.70
N HIS A 123 -33.01 -6.22 1.67
CA HIS A 123 -33.36 -4.84 1.68
C HIS A 123 -32.16 -4.18 2.35
N GLY A 124 -31.22 -3.74 1.52
CA GLY A 124 -30.00 -3.10 1.99
C GLY A 124 -30.11 -1.66 2.41
N ILE A 125 -29.55 -1.37 3.58
CA ILE A 125 -29.46 -0.01 4.12
C ILE A 125 -27.96 0.20 4.33
N ALA A 126 -27.36 1.00 3.44
CA ALA A 126 -25.92 1.25 3.41
C ALA A 126 -25.62 2.64 3.95
N VAL A 127 -24.77 2.69 4.95
CA VAL A 127 -24.42 3.92 5.64
C VAL A 127 -23.02 4.37 5.27
N ALA A 128 -22.93 5.53 4.61
CA ALA A 128 -21.69 6.07 4.18
C ALA A 128 -21.45 7.44 4.79
N GLY A 129 -20.23 7.92 4.59
CA GLY A 129 -19.77 9.18 5.08
C GLY A 129 -18.32 9.04 5.53
N THR A 130 -17.64 10.17 5.64
CA THR A 130 -16.25 10.20 6.07
C THR A 130 -16.15 9.92 7.58
N HIS A 131 -17.10 10.45 8.36
CA HIS A 131 -17.13 10.24 9.83
C HIS A 131 -18.53 9.86 10.31
N GLY A 132 -18.63 8.94 11.25
CA GLY A 132 -19.92 8.59 11.84
C GLY A 132 -20.62 7.37 11.29
N LYS A 133 -20.07 6.79 10.22
CA LYS A 133 -20.64 5.62 9.58
C LYS A 133 -20.93 4.48 10.52
N THR A 134 -19.91 4.10 11.27
CA THR A 134 -20.03 2.95 12.17
C THR A 134 -21.05 3.15 13.26
N THR A 135 -21.02 4.33 13.88
CA THR A 135 -21.97 4.65 14.93
C THR A 135 -23.37 4.66 14.41
N THR A 136 -23.57 5.28 13.26
CA THR A 136 -24.89 5.36 12.64
C THR A 136 -25.41 3.99 12.27
N THR A 137 -24.53 3.08 11.87
CA THR A 137 -24.93 1.73 11.49
C THR A 137 -25.37 1.01 12.76
N ALA A 138 -24.65 1.23 13.84
CA ALA A 138 -24.98 0.64 15.14
C ALA A 138 -26.31 1.18 15.64
N MET A 139 -26.55 2.49 15.51
CA MET A 139 -27.83 3.06 15.95
C MET A 139 -28.99 2.50 15.13
N LEU A 140 -28.85 2.39 13.79
CA LEU A 140 -29.91 1.78 12.97
C LEU A 140 -30.20 0.32 13.36
N SER A 141 -29.14 -0.45 13.61
CA SER A 141 -29.28 -1.85 14.01
C SER A 141 -30.05 -1.98 15.32
N SER A 142 -29.79 -1.10 16.26
CA SER A 142 -30.53 -1.12 17.53
C SER A 142 -31.98 -0.80 17.31
N ILE A 143 -32.27 0.23 16.52
CA ILE A 143 -33.65 0.60 16.26
C ILE A 143 -34.40 -0.58 15.61
N TYR A 144 -33.87 -1.14 14.53
CA TYR A 144 -34.53 -2.26 13.84
C TYR A 144 -34.69 -3.52 14.69
N ALA A 145 -33.70 -3.79 15.54
CA ALA A 145 -33.76 -4.95 16.45
C ALA A 145 -34.91 -4.77 17.43
N GLU A 146 -35.00 -3.58 18.01
CA GLU A 146 -36.02 -3.25 19.00
C GLU A 146 -37.41 -3.33 18.37
N ALA A 147 -37.50 -2.92 17.10
CA ALA A 147 -38.79 -2.95 16.41
C ALA A 147 -39.17 -4.36 15.98
N GLY A 148 -38.41 -5.34 16.47
CA GLY A 148 -38.68 -6.74 16.17
C GLY A 148 -38.42 -7.15 14.74
N LEU A 149 -37.64 -6.35 14.01
CA LEU A 149 -37.33 -6.64 12.60
C LEU A 149 -36.01 -7.43 12.40
N ASP A 150 -35.46 -7.97 13.49
CA ASP A 150 -34.26 -8.84 13.51
C ASP A 150 -33.40 -8.71 12.25
N PRO A 151 -32.67 -7.60 12.13
CA PRO A 151 -31.87 -7.38 10.94
C PRO A 151 -30.54 -8.09 10.90
N THR A 152 -30.08 -8.35 9.68
CA THR A 152 -28.73 -8.86 9.51
C THR A 152 -27.92 -7.57 9.53
N PHE A 153 -26.74 -7.56 10.14
CA PHE A 153 -25.93 -6.34 10.08
C PHE A 153 -24.47 -6.66 9.97
N VAL A 154 -23.73 -5.77 9.29
CA VAL A 154 -22.28 -5.89 9.14
C VAL A 154 -21.74 -4.48 9.39
N ASN A 155 -21.06 -4.33 10.51
CA ASN A 155 -20.54 -3.02 10.89
C ASN A 155 -19.01 -3.02 10.94
N GLY A 156 -18.42 -1.84 10.80
CA GLY A 156 -16.96 -1.66 10.83
C GLY A 156 -16.38 -1.61 12.24
N GLY A 157 -17.25 -1.69 13.25
CA GLY A 157 -16.84 -1.71 14.65
C GLY A 157 -17.67 -2.72 15.43
N LEU A 158 -17.15 -3.14 16.58
CA LEU A 158 -17.82 -4.09 17.45
C LEU A 158 -19.10 -3.48 18.06
N VAL A 159 -20.26 -4.04 17.71
CA VAL A 159 -21.54 -3.55 18.23
C VAL A 159 -21.68 -4.14 19.62
N LYS A 160 -21.54 -3.29 20.63
CA LYS A 160 -21.56 -3.72 22.02
C LYS A 160 -22.82 -4.45 22.44
N ALA A 161 -23.98 -4.05 21.92
CA ALA A 161 -25.24 -4.73 22.27
C ALA A 161 -25.21 -6.21 21.81
N ALA A 162 -24.50 -6.50 20.73
CA ALA A 162 -24.44 -7.88 20.21
C ALA A 162 -23.15 -8.65 20.53
N GLY A 163 -22.10 -7.93 20.96
CA GLY A 163 -20.80 -8.54 21.23
C GLY A 163 -20.01 -8.90 19.97
N THR A 164 -20.45 -8.38 18.81
CA THR A 164 -19.81 -8.69 17.53
C THR A 164 -19.91 -7.55 16.52
N HIS A 165 -19.09 -7.64 15.48
CA HIS A 165 -19.11 -6.69 14.36
C HIS A 165 -20.30 -6.97 13.43
N ALA A 166 -20.77 -8.23 13.42
CA ALA A 166 -21.82 -8.66 12.50
C ALA A 166 -22.71 -9.78 13.02
N ARG A 167 -23.95 -9.83 12.54
CA ARG A 167 -24.92 -10.88 12.94
C ARG A 167 -25.93 -11.21 11.83
N LEU A 168 -26.25 -12.49 11.69
CA LEU A 168 -27.24 -12.93 10.72
C LEU A 168 -28.59 -12.74 11.38
N GLY A 169 -29.50 -12.08 10.67
CA GLY A 169 -30.86 -11.87 11.16
C GLY A 169 -31.84 -12.72 10.34
N SER A 170 -33.04 -12.89 10.84
CA SER A 170 -34.04 -13.69 10.16
C SER A 170 -34.89 -12.89 9.18
N SER A 171 -34.85 -11.57 9.27
CA SER A 171 -35.64 -10.75 8.35
C SER A 171 -34.88 -10.55 7.04
N ARG A 172 -35.47 -9.76 6.15
N ARG A 172 -35.45 -9.77 6.14
CA ARG A 172 -34.88 -9.46 4.85
CA ARG A 172 -34.84 -9.49 4.85
C ARG A 172 -33.94 -8.24 4.92
C ARG A 172 -33.98 -8.21 4.90
N TYR A 173 -33.87 -7.60 6.07
CA TYR A 173 -33.03 -6.40 6.22
C TYR A 173 -31.53 -6.64 6.40
N LEU A 174 -30.73 -5.78 5.77
CA LEU A 174 -29.29 -5.82 5.91
C LEU A 174 -28.83 -4.41 6.19
N ILE A 175 -28.25 -4.17 7.36
CA ILE A 175 -27.79 -2.84 7.72
C ILE A 175 -26.31 -2.92 7.66
N ALA A 176 -25.70 -2.08 6.83
CA ALA A 176 -24.26 -2.14 6.65
C ALA A 176 -23.54 -0.82 6.36
N GLU A 177 -22.35 -0.75 6.93
CA GLU A 177 -21.45 0.35 6.73
C GLU A 177 -20.92 0.24 5.29
N ALA A 178 -20.88 1.37 4.58
CA ALA A 178 -20.39 1.40 3.21
C ALA A 178 -19.10 2.24 3.14
N ASP A 179 -18.01 1.57 2.81
CA ASP A 179 -16.67 2.17 2.76
C ASP A 179 -16.36 2.85 1.41
N GLU A 180 -15.95 4.11 1.48
CA GLU A 180 -15.67 4.90 0.29
C GLU A 180 -14.24 4.69 -0.23
N SER A 181 -13.35 4.18 0.63
CA SER A 181 -11.97 3.89 0.25
C SER A 181 -11.95 3.00 -0.99
N ASP A 182 -11.13 3.40 -1.96
CA ASP A 182 -10.99 2.70 -3.26
C ASP A 182 -12.36 2.45 -3.90
N ALA A 183 -13.30 3.33 -3.62
CA ALA A 183 -14.64 3.22 -4.19
C ALA A 183 -15.30 1.85 -3.99
N SER A 184 -15.00 1.18 -2.89
CA SER A 184 -15.55 -0.15 -2.61
C SER A 184 -17.06 -0.14 -2.58
N PHE A 185 -17.63 0.93 -2.04
CA PHE A 185 -19.08 1.04 -1.94
C PHE A 185 -19.78 1.08 -3.29
N LEU A 186 -19.05 1.27 -4.38
CA LEU A 186 -19.71 1.24 -5.69
C LEU A 186 -20.22 -0.16 -6.05
N HIS A 187 -19.82 -1.20 -5.34
CA HIS A 187 -20.36 -2.54 -5.64
C HIS A 187 -21.72 -2.77 -4.96
N LEU A 188 -22.05 -1.96 -3.97
CA LEU A 188 -23.31 -2.14 -3.24
C LEU A 188 -24.56 -1.63 -4.01
N GLN A 189 -25.64 -2.40 -3.94
CA GLN A 189 -26.91 -2.07 -4.54
C GLN A 189 -27.95 -1.98 -3.40
N PRO A 190 -27.99 -0.87 -2.66
CA PRO A 190 -28.94 -0.84 -1.57
C PRO A 190 -30.30 -0.27 -1.93
N MET A 191 -31.23 -0.34 -0.97
CA MET A 191 -32.57 0.22 -1.12
C MET A 191 -32.57 1.60 -0.45
N VAL A 192 -31.76 1.76 0.58
CA VAL A 192 -31.65 3.02 1.32
C VAL A 192 -30.16 3.30 1.52
N ALA A 193 -29.76 4.55 1.39
CA ALA A 193 -28.38 4.93 1.58
C ALA A 193 -28.32 6.22 2.36
N ILE A 194 -27.34 6.29 3.25
CA ILE A 194 -27.12 7.47 4.06
C ILE A 194 -25.75 8.04 3.76
N VAL A 195 -25.63 9.36 3.74
CA VAL A 195 -24.36 10.02 3.64
C VAL A 195 -24.29 11.00 4.86
N THR A 196 -23.40 10.70 5.79
CA THR A 196 -23.27 11.51 7.02
C THR A 196 -22.52 12.80 6.79
N ASN A 197 -21.54 12.75 5.90
CA ASN A 197 -20.73 13.93 5.58
C ASN A 197 -19.61 13.52 4.62
N ILE A 198 -19.01 14.48 3.96
CA ILE A 198 -17.94 14.20 3.01
C ILE A 198 -16.84 15.21 3.29
N GLU A 199 -15.68 14.76 3.75
CA GLU A 199 -14.59 15.71 4.06
C GLU A 199 -13.26 15.15 3.61
N ALA A 200 -12.41 16.05 3.09
CA ALA A 200 -11.10 15.66 2.61
C ALA A 200 -10.19 15.31 3.76
N ASP A 201 -9.24 14.41 3.52
CA ASP A 201 -8.26 14.09 4.55
C ASP A 201 -6.87 14.48 4.01
N HIS A 202 -6.85 15.41 3.06
N HIS A 202 -6.85 15.39 3.04
CA HIS A 202 -5.60 15.94 2.49
CA HIS A 202 -5.61 15.87 2.43
C HIS A 202 -5.93 16.90 1.35
C HIS A 202 -5.92 16.85 1.29
N MET A 203 -4.97 17.74 1.01
CA MET A 203 -5.13 18.70 -0.08
C MET A 203 -5.01 17.91 -1.38
N ASP A 204 -5.58 18.43 -2.45
CA ASP A 204 -5.52 17.74 -3.73
C ASP A 204 -4.12 17.54 -4.26
N THR A 205 -3.68 16.29 -4.34
CA THR A 205 -2.36 16.01 -4.90
C THR A 205 -2.43 16.44 -6.37
N TYR A 206 -3.51 16.08 -7.05
CA TYR A 206 -3.70 16.47 -8.43
C TYR A 206 -4.98 17.25 -8.57
N GLN A 207 -5.08 18.07 -9.61
CA GLN A 207 -6.28 18.87 -9.82
C GLN A 207 -7.47 17.90 -9.96
N GLY A 208 -8.49 18.08 -9.15
CA GLY A 208 -9.69 17.24 -9.21
C GLY A 208 -9.71 16.02 -8.29
N ASP A 209 -8.74 15.95 -7.38
CA ASP A 209 -8.67 14.84 -6.45
C ASP A 209 -9.95 14.82 -5.60
N PHE A 210 -10.23 15.92 -4.88
CA PHE A 210 -11.42 15.96 -4.04
C PHE A 210 -12.70 15.88 -4.89
N GLU A 211 -12.72 16.50 -6.06
CA GLU A 211 -13.89 16.40 -6.95
C GLU A 211 -14.16 14.96 -7.38
N ASN A 212 -13.09 14.17 -7.53
N ASN A 212 -13.11 14.16 -7.54
CA ASN A 212 -13.24 12.77 -7.88
CA ASN A 212 -13.33 12.78 -7.91
C ASN A 212 -13.92 12.05 -6.73
C ASN A 212 -13.90 12.00 -6.73
N LEU A 213 -13.49 12.37 -5.52
CA LEU A 213 -14.04 11.72 -4.32
C LEU A 213 -15.55 12.03 -4.24
N LYS A 214 -15.94 13.29 -4.40
CA LYS A 214 -17.35 13.67 -4.36
C LYS A 214 -18.15 12.91 -5.41
N GLN A 215 -17.60 12.80 -6.62
CA GLN A 215 -18.27 12.07 -7.70
C GLN A 215 -18.50 10.62 -7.33
N THR A 216 -17.57 9.97 -6.62
CA THR A 216 -17.81 8.57 -6.20
C THR A 216 -19.01 8.49 -5.23
N PHE A 217 -19.22 9.51 -4.39
CA PHE A 217 -20.35 9.48 -3.48
C PHE A 217 -21.66 9.59 -4.29
N ILE A 218 -21.65 10.44 -5.31
CA ILE A 218 -22.79 10.62 -6.19
C ILE A 218 -23.06 9.32 -6.94
N ASN A 219 -22.01 8.69 -7.41
CA ASN A 219 -22.13 7.40 -8.11
C ASN A 219 -22.69 6.33 -7.16
N PHE A 220 -22.31 6.42 -5.90
CA PHE A 220 -22.80 5.50 -4.87
C PHE A 220 -24.29 5.67 -4.70
N LEU A 221 -24.72 6.93 -4.52
CA LEU A 221 -26.14 7.19 -4.36
C LEU A 221 -26.93 6.79 -5.60
N HIS A 222 -26.31 6.87 -6.78
CA HIS A 222 -27.00 6.46 -8.01
C HIS A 222 -27.07 4.95 -8.12
N ASN A 223 -26.52 4.21 -7.16
CA ASN A 223 -26.70 2.75 -7.16
C ASN A 223 -28.10 2.43 -6.61
N LEU A 224 -28.73 3.39 -5.96
CA LEU A 224 -30.09 3.19 -5.46
C LEU A 224 -31.01 3.03 -6.63
N PRO A 225 -32.04 2.18 -6.51
CA PRO A 225 -33.02 2.08 -7.57
C PRO A 225 -33.80 3.40 -7.60
N PHE A 226 -34.60 3.63 -8.63
CA PHE A 226 -35.35 4.87 -8.74
C PHE A 226 -36.34 5.10 -7.60
N TYR A 227 -36.89 4.02 -7.04
CA TYR A 227 -37.83 4.11 -5.92
C TYR A 227 -37.12 4.09 -4.55
N GLY A 228 -35.80 4.08 -4.56
CA GLY A 228 -34.98 4.05 -3.34
C GLY A 228 -34.95 5.39 -2.63
N ARG A 229 -34.17 5.48 -1.56
CA ARG A 229 -34.14 6.71 -0.74
C ARG A 229 -32.73 7.03 -0.20
N ALA A 230 -32.33 8.31 -0.30
CA ALA A 230 -31.06 8.79 0.22
C ALA A 230 -31.36 9.66 1.42
N VAL A 231 -30.57 9.51 2.47
CA VAL A 231 -30.74 10.28 3.69
C VAL A 231 -29.39 10.98 3.82
N MET A 232 -29.41 12.32 3.79
CA MET A 232 -28.19 13.11 3.76
C MET A 232 -28.13 14.22 4.80
N CYS A 233 -26.93 14.49 5.30
CA CYS A 233 -26.75 15.54 6.29
C CYS A 233 -26.55 16.91 5.64
N ILE A 234 -27.59 17.72 5.65
CA ILE A 234 -27.56 19.02 5.02
C ILE A 234 -26.62 19.99 5.79
N ASP A 235 -26.27 19.70 7.04
CA ASP A 235 -25.33 20.59 7.78
C ASP A 235 -23.92 20.51 7.18
N ASP A 236 -23.58 19.39 6.56
CA ASP A 236 -22.28 19.25 5.92
C ASP A 236 -22.24 20.09 4.63
N PRO A 237 -21.28 21.00 4.53
CA PRO A 237 -21.18 21.89 3.38
C PRO A 237 -21.04 21.17 2.05
N VAL A 238 -20.27 20.08 2.02
CA VAL A 238 -20.10 19.35 0.74
C VAL A 238 -21.38 18.59 0.36
N VAL A 239 -22.02 17.95 1.34
CA VAL A 239 -23.28 17.27 1.07
C VAL A 239 -24.36 18.26 0.59
N ARG A 240 -24.45 19.44 1.19
CA ARG A 240 -25.45 20.43 0.76
C ARG A 240 -25.22 20.84 -0.71
N GLU A 241 -23.95 21.04 -1.04
CA GLU A 241 -23.53 21.43 -2.38
C GLU A 241 -23.80 20.33 -3.42
N LEU A 242 -23.83 19.08 -2.99
CA LEU A 242 -24.09 17.95 -3.88
C LEU A 242 -25.56 17.59 -4.11
N LEU A 243 -26.46 18.07 -3.28
CA LEU A 243 -27.87 17.69 -3.42
C LEU A 243 -28.44 17.75 -4.84
N PRO A 244 -28.30 18.90 -5.51
CA PRO A 244 -28.85 19.03 -6.86
C PRO A 244 -28.39 17.96 -7.83
N ARG A 245 -27.22 17.38 -7.60
CA ARG A 245 -26.67 16.39 -8.49
C ARG A 245 -27.13 14.97 -8.19
N VAL A 246 -27.87 14.79 -7.10
CA VAL A 246 -28.40 13.47 -6.72
C VAL A 246 -29.83 13.32 -7.30
N GLY A 247 -29.99 12.47 -8.30
CA GLY A 247 -31.30 12.29 -8.93
C GLY A 247 -32.09 11.18 -8.28
N ARG A 248 -32.21 11.23 -6.97
CA ARG A 248 -32.92 10.23 -6.21
C ARG A 248 -33.68 10.93 -5.11
N HIS A 249 -34.73 10.29 -4.62
CA HIS A 249 -35.49 10.85 -3.54
C HIS A 249 -34.54 11.06 -2.35
N ILE A 250 -34.53 12.27 -1.79
CA ILE A 250 -33.66 12.62 -0.70
C ILE A 250 -34.43 13.10 0.52
N THR A 251 -33.95 12.71 1.69
CA THR A 251 -34.51 13.18 2.96
C THR A 251 -33.33 13.78 3.68
N THR A 252 -33.38 15.06 4.01
CA THR A 252 -32.25 15.67 4.67
C THR A 252 -32.41 15.76 6.17
N TYR A 253 -31.28 15.84 6.89
CA TYR A 253 -31.33 15.99 8.33
C TYR A 253 -30.24 16.93 8.79
N GLY A 254 -30.37 17.43 10.03
CA GLY A 254 -29.40 18.35 10.62
C GLY A 254 -30.03 19.39 11.53
N PHE A 255 -29.21 20.27 12.07
CA PHE A 255 -29.71 21.38 12.87
C PHE A 255 -30.20 22.46 11.94
N SER A 256 -29.81 22.36 10.66
CA SER A 256 -30.20 23.37 9.69
C SER A 256 -31.69 23.58 9.63
N ASP A 257 -32.08 24.83 9.44
CA ASP A 257 -33.49 25.20 9.34
C ASP A 257 -34.22 24.55 8.19
N ASP A 258 -33.50 24.29 7.09
CA ASP A 258 -34.14 23.67 5.93
C ASP A 258 -34.04 22.15 5.91
N ALA A 259 -33.72 21.54 7.06
CA ALA A 259 -33.61 20.09 7.13
C ALA A 259 -35.00 19.43 7.21
N ASP A 260 -35.17 18.29 6.56
CA ASP A 260 -36.43 17.58 6.58
C ASP A 260 -36.64 16.97 7.96
N VAL A 261 -35.54 16.57 8.59
CA VAL A 261 -35.54 16.01 9.94
C VAL A 261 -34.59 16.92 10.73
N GLN A 262 -35.15 17.85 11.51
CA GLN A 262 -34.32 18.83 12.19
C GLN A 262 -34.12 18.65 13.68
N ILE A 263 -32.87 18.76 14.11
CA ILE A 263 -32.50 18.65 15.51
C ILE A 263 -32.58 20.05 16.12
N ALA A 264 -33.11 20.15 17.35
CA ALA A 264 -33.19 21.43 18.05
C ALA A 264 -33.17 21.19 19.54
N SER A 265 -32.95 22.28 20.28
CA SER A 265 -32.93 22.26 21.74
C SER A 265 -31.97 21.20 22.26
N TYR A 266 -30.81 21.08 21.62
CA TYR A 266 -29.82 20.08 22.05
C TYR A 266 -29.09 20.49 23.33
N ARG A 267 -28.94 19.55 24.25
CA ARG A 267 -28.17 19.82 25.46
C ARG A 267 -27.56 18.48 25.83
N GLN A 268 -26.35 18.50 26.37
CA GLN A 268 -25.70 17.25 26.78
C GLN A 268 -25.61 17.16 28.31
N GLU A 269 -25.97 16.00 28.83
CA GLU A 269 -25.88 15.73 30.25
C GLU A 269 -25.07 14.45 30.44
N GLY A 270 -23.84 14.61 30.89
CA GLY A 270 -22.98 13.47 31.10
C GLY A 270 -22.85 12.70 29.79
N PRO A 271 -23.08 11.40 29.82
CA PRO A 271 -22.93 10.68 28.58
C PRO A 271 -24.14 10.79 27.66
N GLN A 272 -25.18 11.51 28.09
CA GLN A 272 -26.38 11.54 27.30
C GLN A 272 -26.71 12.84 26.56
N GLY A 273 -27.36 12.67 25.42
CA GLY A 273 -27.80 13.80 24.62
C GLY A 273 -29.30 13.93 24.71
N HIS A 274 -29.77 15.17 24.82
CA HIS A 274 -31.20 15.46 24.86
C HIS A 274 -31.51 16.47 23.76
N PHE A 275 -32.55 16.20 22.98
CA PHE A 275 -32.95 17.10 21.90
C PHE A 275 -34.33 16.77 21.33
N THR A 276 -34.83 17.64 20.47
CA THR A 276 -36.09 17.40 19.80
C THR A 276 -35.79 17.13 18.32
N LEU A 277 -36.68 16.39 17.67
CA LEU A 277 -36.59 16.10 16.24
C LEU A 277 -37.89 16.52 15.55
N ARG A 278 -37.72 17.33 14.51
CA ARG A 278 -38.84 17.81 13.73
C ARG A 278 -38.92 16.99 12.45
N ARG A 279 -40.02 16.29 12.26
CA ARG A 279 -40.26 15.49 11.07
C ARG A 279 -41.61 15.84 10.41
N GLN A 280 -41.67 15.67 9.10
CA GLN A 280 -42.91 15.93 8.35
C GLN A 280 -44.02 14.94 8.79
N ASP A 281 -45.25 15.45 8.92
CA ASP A 281 -46.44 14.64 9.32
C ASP A 281 -46.32 13.89 10.67
N LYS A 282 -45.56 14.47 11.58
CA LYS A 282 -45.36 13.92 12.89
C LYS A 282 -45.27 15.12 13.84
N PRO A 283 -45.72 14.95 15.09
CA PRO A 283 -45.52 16.11 15.97
C PRO A 283 -44.07 16.04 16.42
N LEU A 284 -43.59 17.07 17.12
CA LEU A 284 -42.23 17.04 17.64
C LEU A 284 -42.07 15.92 18.61
N ILE A 285 -40.97 15.20 18.51
CA ILE A 285 -40.68 14.12 19.45
C ILE A 285 -39.51 14.54 20.32
N GLU A 286 -39.52 14.08 21.58
CA GLU A 286 -38.44 14.37 22.52
C GLU A 286 -37.56 13.16 22.62
N VAL A 287 -36.27 13.36 22.37
CA VAL A 287 -35.30 12.27 22.37
C VAL A 287 -34.26 12.37 23.47
N THR A 288 -33.95 11.21 24.05
CA THR A 288 -32.89 11.05 25.02
C THR A 288 -31.96 10.00 24.37
N LEU A 289 -30.75 10.42 24.00
CA LEU A 289 -29.77 9.54 23.32
C LEU A 289 -28.65 9.07 24.23
N ASN A 290 -28.40 7.78 24.28
CA ASN A 290 -27.33 7.25 25.12
C ASN A 290 -25.95 7.32 24.43
N ALA A 291 -25.56 8.52 24.00
CA ALA A 291 -24.29 8.75 23.33
C ALA A 291 -24.06 10.24 23.39
N PRO A 292 -22.82 10.66 23.67
CA PRO A 292 -22.55 12.08 23.84
C PRO A 292 -22.24 12.86 22.58
N GLY A 293 -22.41 14.16 22.67
CA GLY A 293 -22.08 15.08 21.57
C GLY A 293 -23.08 15.36 20.48
N ARG A 294 -22.95 16.57 19.94
CA ARG A 294 -23.80 17.02 18.85
C ARG A 294 -23.62 16.15 17.62
N HIS A 295 -22.43 15.61 17.44
CA HIS A 295 -22.16 14.73 16.30
C HIS A 295 -22.95 13.41 16.43
N ASN A 296 -23.15 12.93 17.65
CA ASN A 296 -23.95 11.71 17.84
C ASN A 296 -25.45 12.00 17.68
N ALA A 297 -25.84 13.26 17.88
CA ALA A 297 -27.22 13.67 17.67
C ALA A 297 -27.47 13.63 16.16
N LEU A 298 -26.47 14.05 15.39
CA LEU A 298 -26.57 13.98 13.92
C LEU A 298 -26.70 12.56 13.44
N ASN A 299 -25.84 11.69 13.95
CA ASN A 299 -25.88 10.28 13.58
C ASN A 299 -27.26 9.66 13.89
N ALA A 300 -27.82 10.05 15.03
CA ALA A 300 -29.13 9.57 15.47
C ALA A 300 -30.23 10.10 14.56
N ALA A 301 -30.13 11.34 14.17
CA ALA A 301 -31.12 11.92 13.30
C ALA A 301 -31.16 11.10 11.99
N ALA A 302 -29.98 10.76 11.48
CA ALA A 302 -29.89 9.98 10.26
C ALA A 302 -30.69 8.69 10.47
N ALA A 303 -30.37 7.98 11.54
CA ALA A 303 -31.02 6.72 11.89
C ALA A 303 -32.54 6.86 12.01
N VAL A 304 -33.01 7.89 12.72
CA VAL A 304 -34.44 8.13 12.87
C VAL A 304 -35.10 8.42 11.51
N ALA A 305 -34.43 9.18 10.65
CA ALA A 305 -34.96 9.48 9.32
C ALA A 305 -35.22 8.17 8.53
N VAL A 306 -34.27 7.25 8.56
CA VAL A 306 -34.44 5.97 7.89
C VAL A 306 -35.56 5.16 8.53
N ALA A 307 -35.55 5.09 9.86
CA ALA A 307 -36.52 4.35 10.63
C ALA A 307 -37.95 4.85 10.36
N THR A 308 -38.10 6.16 10.25
CA THR A 308 -39.41 6.75 10.00
C THR A 308 -39.92 6.40 8.61
N GLU A 309 -39.09 6.51 7.59
CA GLU A 309 -39.53 6.14 6.22
C GLU A 309 -39.92 4.67 6.18
N GLU A 310 -39.30 3.84 7.01
CA GLU A 310 -39.65 2.42 7.06
C GLU A 310 -40.98 2.16 7.78
N GLY A 311 -41.41 3.08 8.64
CA GLY A 311 -42.68 2.89 9.34
C GLY A 311 -42.52 2.39 10.77
N ILE A 312 -41.30 2.45 11.29
CA ILE A 312 -41.04 2.01 12.66
C ILE A 312 -41.68 3.00 13.62
N GLU A 313 -42.31 2.47 14.67
CA GLU A 313 -42.99 3.33 15.63
C GLU A 313 -42.04 4.08 16.54
N ASP A 314 -42.48 5.27 16.91
CA ASP A 314 -41.73 6.15 17.78
C ASP A 314 -41.30 5.51 19.09
N GLU A 315 -42.13 4.67 19.69
CA GLU A 315 -41.75 4.01 20.95
C GLU A 315 -40.54 3.11 20.76
N ASP A 316 -40.49 2.42 19.62
CA ASP A 316 -39.38 1.52 19.34
C ASP A 316 -38.11 2.32 19.13
N ILE A 317 -38.22 3.45 18.42
CA ILE A 317 -37.10 4.31 18.16
C ILE A 317 -36.50 4.91 19.44
N LEU A 318 -37.36 5.48 20.28
CA LEU A 318 -36.93 6.10 21.53
C LEU A 318 -36.33 5.11 22.51
N ARG A 319 -36.90 3.91 22.59
CA ARG A 319 -36.36 2.92 23.49
C ARG A 319 -34.98 2.51 22.98
N ALA A 320 -34.84 2.30 21.67
CA ALA A 320 -33.54 1.94 21.11
C ALA A 320 -32.48 3.00 21.41
N LEU A 321 -32.80 4.27 21.24
CA LEU A 321 -31.82 5.31 21.46
C LEU A 321 -31.43 5.55 22.92
N VAL A 322 -32.38 5.45 23.85
CA VAL A 322 -32.07 5.63 25.27
C VAL A 322 -31.22 4.43 25.75
N GLY A 323 -31.39 3.27 25.13
CA GLY A 323 -30.65 2.09 25.54
C GLY A 323 -29.41 1.82 24.70
N PHE A 324 -29.09 2.68 23.73
CA PHE A 324 -27.94 2.45 22.82
C PHE A 324 -26.67 2.11 23.60
N GLN A 325 -26.05 0.99 23.24
CA GLN A 325 -24.85 0.54 23.94
C GLN A 325 -23.54 0.92 23.26
N GLY A 326 -23.62 1.51 22.07
CA GLY A 326 -22.42 1.97 21.39
C GLY A 326 -21.59 0.92 20.68
N THR A 327 -20.40 1.32 20.26
CA THR A 327 -19.50 0.43 19.55
C THR A 327 -18.11 0.48 20.12
N GLY A 328 -17.39 -0.64 20.00
CA GLY A 328 -16.01 -0.71 20.49
C GLY A 328 -15.14 0.43 19.96
N ARG A 329 -14.46 1.11 20.87
CA ARG A 329 -13.56 2.22 20.54
C ARG A 329 -14.22 3.51 19.97
N ARG A 330 -15.49 3.73 20.24
CA ARG A 330 -16.18 4.96 19.85
C ARG A 330 -16.67 5.58 21.16
N PHE A 331 -15.91 6.55 21.66
CA PHE A 331 -16.14 7.19 22.99
C PHE A 331 -16.60 6.07 23.91
N ASP A 332 -15.69 5.12 24.10
CA ASP A 332 -15.94 3.90 24.84
C ASP A 332 -15.41 4.02 26.28
N PHE A 333 -16.35 4.13 27.22
CA PHE A 333 -16.06 4.25 28.65
C PHE A 333 -15.67 2.87 29.18
N LEU A 334 -14.41 2.71 29.58
CA LEU A 334 -13.90 1.43 30.05
C LEU A 334 -13.85 1.35 31.57
N GLY A 335 -14.10 2.46 32.25
CA GLY A 335 -14.12 2.46 33.71
C GLY A 335 -13.54 3.67 34.41
N ASN A 336 -13.91 3.79 35.67
CA ASN A 336 -13.44 4.79 36.60
C ASN A 336 -12.59 3.93 37.52
N PHE A 337 -11.34 4.32 37.74
CA PHE A 337 -10.42 3.51 38.53
C PHE A 337 -9.69 4.32 39.58
N PRO A 338 -9.54 3.73 40.80
CA PRO A 338 -8.88 4.40 41.93
C PRO A 338 -7.40 4.64 41.71
N LEU A 339 -6.91 5.81 42.11
CA LEU A 339 -5.51 6.15 41.90
C LEU A 339 -4.55 5.72 43.01
N ALA A 340 -5.04 5.36 44.19
CA ALA A 340 -4.10 4.99 45.28
C ALA A 340 -3.05 3.95 44.84
N PRO A 341 -3.48 2.84 44.21
CA PRO A 341 -2.51 1.82 43.75
C PRO A 341 -1.82 2.16 42.42
N VAL A 342 -2.23 3.26 41.80
CA VAL A 342 -1.65 3.68 40.53
C VAL A 342 -0.47 4.61 40.77
N ASN A 343 -0.66 5.65 41.58
CA ASN A 343 0.40 6.62 41.87
C ASN A 343 0.32 7.14 43.34
N GLY A 344 -0.50 6.51 44.18
CA GLY A 344 -0.63 6.85 45.59
C GLY A 344 -1.47 8.06 45.95
N LYS A 345 -2.23 8.57 44.98
CA LYS A 345 -3.08 9.72 45.19
C LYS A 345 -4.51 9.26 45.46
N GLU A 346 -5.27 10.12 46.13
CA GLU A 346 -6.66 9.83 46.37
C GLU A 346 -7.48 10.17 45.11
N GLY A 347 -8.71 9.66 45.07
CA GLY A 347 -9.59 9.89 43.96
C GLY A 347 -9.47 8.80 42.89
N SER A 348 -10.13 9.09 41.77
CA SER A 348 -10.19 8.19 40.62
C SER A 348 -10.06 8.90 39.31
N ALA A 349 -9.78 8.13 38.27
CA ALA A 349 -9.68 8.65 36.91
C ALA A 349 -10.60 7.83 35.98
N MET A 350 -11.16 8.52 34.99
CA MET A 350 -12.11 7.98 34.02
C MET A 350 -11.39 7.66 32.72
N LEU A 351 -11.56 6.44 32.24
CA LEU A 351 -10.87 5.99 31.03
C LEU A 351 -11.84 5.87 29.87
N VAL A 352 -11.57 6.63 28.82
CA VAL A 352 -12.38 6.62 27.59
C VAL A 352 -11.47 6.31 26.40
N ASP A 353 -11.88 5.34 25.59
CA ASP A 353 -11.10 4.88 24.44
C ASP A 353 -11.73 5.33 23.12
N ASP A 354 -11.00 6.07 22.27
CA ASP A 354 -11.54 6.48 20.97
C ASP A 354 -10.56 6.25 19.81
N TYR A 355 -11.04 5.63 18.72
N TYR A 355 -11.11 5.65 18.75
CA TYR A 355 -10.15 5.35 17.59
CA TYR A 355 -10.43 5.29 17.52
C TYR A 355 -10.01 6.55 16.63
C TYR A 355 -10.15 6.47 16.58
N GLY A 356 -10.80 7.60 16.84
CA GLY A 356 -10.70 8.80 15.99
C GLY A 356 -9.27 9.19 15.63
N HIS A 357 -9.02 9.37 14.34
CA HIS A 357 -7.68 9.68 13.78
C HIS A 357 -7.60 10.96 12.92
N HIS A 358 -8.73 11.41 12.40
CA HIS A 358 -8.80 12.63 11.62
C HIS A 358 -9.00 13.73 12.66
N PRO A 359 -8.42 14.91 12.42
CA PRO A 359 -8.57 16.02 13.37
C PRO A 359 -10.04 16.33 13.71
N THR A 360 -10.93 16.13 12.76
CA THR A 360 -12.36 16.38 13.03
C THR A 360 -12.92 15.43 14.07
N GLU A 361 -12.47 14.17 13.97
CA GLU A 361 -12.88 13.10 14.86
C GLU A 361 -12.32 13.35 16.29
N VAL A 362 -11.06 13.74 16.38
CA VAL A 362 -10.43 14.02 17.66
C VAL A 362 -11.11 15.20 18.32
N ASP A 363 -11.42 16.23 17.55
CA ASP A 363 -12.09 17.44 18.03
C ASP A 363 -13.50 17.11 18.56
N ALA A 364 -14.26 16.30 17.83
CA ALA A 364 -15.60 15.91 18.27
C ALA A 364 -15.53 15.18 19.62
N THR A 365 -14.54 14.30 19.78
CA THR A 365 -14.35 13.54 21.02
C THR A 365 -14.03 14.48 22.19
N ILE A 366 -13.16 15.45 21.94
CA ILE A 366 -12.80 16.43 22.97
C ILE A 366 -14.03 17.24 23.36
N LYS A 367 -14.82 17.65 22.37
CA LYS A 367 -16.01 18.44 22.67
C LYS A 367 -17.02 17.66 23.50
N ALA A 368 -17.17 16.37 23.20
CA ALA A 368 -18.10 15.54 23.94
C ALA A 368 -17.67 15.40 25.40
N ALA A 369 -16.38 15.17 25.61
CA ALA A 369 -15.82 15.00 26.94
C ALA A 369 -15.92 16.32 27.74
N ARG A 370 -15.62 17.42 27.07
CA ARG A 370 -15.65 18.75 27.67
C ARG A 370 -17.11 19.09 28.10
N ALA A 371 -18.07 18.90 27.18
CA ALA A 371 -19.49 19.19 27.45
C ALA A 371 -20.15 18.22 28.44
N GLY A 372 -19.73 16.95 28.40
CA GLY A 372 -20.29 15.95 29.27
C GLY A 372 -19.79 16.00 30.72
N TRP A 373 -18.53 16.39 30.92
CA TRP A 373 -17.92 16.46 32.25
C TRP A 373 -17.08 17.74 32.41
N PRO A 374 -17.75 18.90 32.49
CA PRO A 374 -17.10 20.22 32.54
C PRO A 374 -16.03 20.43 33.63
N ASP A 375 -16.10 19.67 34.72
CA ASP A 375 -15.14 19.83 35.82
C ASP A 375 -13.94 18.87 35.80
N LYS A 376 -13.94 17.93 34.87
CA LYS A 376 -12.84 17.00 34.81
C LYS A 376 -11.72 17.58 33.97
N ARG A 377 -10.50 17.17 34.30
CA ARG A 377 -9.32 17.59 33.56
C ARG A 377 -9.13 16.59 32.40
N ILE A 378 -8.99 17.11 31.19
CA ILE A 378 -8.82 16.23 30.03
C ILE A 378 -7.37 15.88 29.76
N VAL A 379 -7.06 14.60 29.92
CA VAL A 379 -5.74 14.07 29.69
C VAL A 379 -5.78 13.18 28.45
N MET A 380 -5.06 13.55 27.41
CA MET A 380 -5.06 12.74 26.18
C MET A 380 -3.73 12.06 25.87
N LEU A 381 -3.81 10.77 25.57
CA LEU A 381 -2.67 9.98 25.12
C LEU A 381 -3.05 9.74 23.65
N PHE A 382 -2.31 10.37 22.75
CA PHE A 382 -2.60 10.32 21.31
C PHE A 382 -1.47 9.71 20.51
N GLN A 383 -1.86 8.92 19.53
CA GLN A 383 -0.93 8.29 18.61
C GLN A 383 -1.41 8.67 17.20
N PRO A 384 -0.64 9.52 16.49
CA PRO A 384 -1.03 9.88 15.14
C PRO A 384 -0.91 8.62 14.30
N HIS A 385 -1.73 8.52 13.25
CA HIS A 385 -1.75 7.34 12.39
C HIS A 385 -1.30 7.79 10.99
N ARG A 386 -0.18 7.23 10.54
CA ARG A 386 0.46 7.56 9.27
C ARG A 386 1.18 8.90 9.23
N TYR A 387 2.30 8.89 8.54
CA TYR A 387 3.08 10.09 8.32
C TYR A 387 2.41 10.99 7.28
N THR A 388 1.83 10.36 6.26
CA THR A 388 1.19 11.12 5.18
C THR A 388 0.06 11.96 5.74
N ARG A 389 -0.81 11.34 6.53
CA ARG A 389 -1.90 12.06 7.16
C ARG A 389 -1.40 13.14 8.14
N THR A 390 -0.35 12.84 8.90
CA THR A 390 0.17 13.82 9.87
C THR A 390 0.68 15.05 9.10
N ARG A 391 1.40 14.79 8.03
CA ARG A 391 1.92 15.85 7.15
C ARG A 391 0.79 16.62 6.50
N ASP A 392 -0.16 15.89 5.94
CA ASP A 392 -1.29 16.52 5.25
C ASP A 392 -2.22 17.39 6.10
N LEU A 393 -2.43 17.03 7.38
CA LEU A 393 -3.34 17.79 8.23
C LEU A 393 -2.63 18.36 9.46
N TYR A 394 -1.33 18.61 9.29
CA TYR A 394 -0.47 19.07 10.37
C TYR A 394 -1.06 20.20 11.18
N ASP A 395 -1.37 21.29 10.48
CA ASP A 395 -1.90 22.48 11.12
C ASP A 395 -3.18 22.19 11.91
N ASP A 396 -4.05 21.34 11.38
CA ASP A 396 -5.31 21.02 12.05
C ASP A 396 -5.05 20.18 13.30
N PHE A 397 -4.10 19.25 13.23
CA PHE A 397 -3.78 18.46 14.39
C PHE A 397 -3.26 19.35 15.53
N ALA A 398 -2.38 20.29 15.22
CA ALA A 398 -1.83 21.15 16.25
C ALA A 398 -2.92 21.98 16.90
N ASN A 399 -3.87 22.45 16.11
CA ASN A 399 -4.97 23.26 16.66
C ASN A 399 -5.93 22.43 17.54
N VAL A 400 -6.32 21.26 17.03
CA VAL A 400 -7.23 20.39 17.77
C VAL A 400 -6.58 19.79 19.03
N LEU A 401 -5.31 19.40 18.93
CA LEU A 401 -4.63 18.81 20.07
C LEU A 401 -4.33 19.86 21.17
N SER A 402 -4.23 21.12 20.80
CA SER A 402 -3.97 22.16 21.77
C SER A 402 -5.12 22.42 22.74
N GLN A 403 -6.27 21.78 22.52
CA GLN A 403 -7.45 21.98 23.36
C GLN A 403 -7.52 21.15 24.62
N VAL A 404 -6.66 20.15 24.78
CA VAL A 404 -6.72 19.30 25.95
C VAL A 404 -5.91 19.97 27.08
N ASP A 405 -6.14 19.56 28.34
CA ASP A 405 -5.40 20.11 29.49
C ASP A 405 -3.99 19.48 29.63
N VAL A 406 -3.89 18.18 29.35
CA VAL A 406 -2.60 17.48 29.39
C VAL A 406 -2.53 16.57 28.15
N LEU A 407 -1.41 16.62 27.43
CA LEU A 407 -1.23 15.83 26.20
C LEU A 407 -0.01 14.98 26.24
N LEU A 408 -0.19 13.68 26.04
CA LEU A 408 0.92 12.72 25.92
C LEU A 408 0.88 12.23 24.50
N MET A 409 2.04 12.18 23.86
CA MET A 409 2.08 11.73 22.49
C MET A 409 3.04 10.59 22.22
N LEU A 410 2.51 9.53 21.62
CA LEU A 410 3.30 8.39 21.17
C LEU A 410 3.78 8.73 19.76
N ASP A 411 4.78 8.00 19.29
CA ASP A 411 5.29 8.19 17.94
C ASP A 411 4.23 7.75 16.93
N VAL A 412 4.23 8.43 15.79
CA VAL A 412 3.35 8.12 14.69
C VAL A 412 3.31 6.62 14.42
N TYR A 413 2.11 6.06 14.23
CA TYR A 413 1.95 4.65 13.89
C TYR A 413 2.14 4.66 12.36
N ALA A 414 3.21 4.03 11.87
CA ALA A 414 3.55 4.08 10.46
C ALA A 414 2.59 3.40 9.49
N ALA A 415 2.03 2.26 9.87
CA ALA A 415 1.13 1.55 8.98
C ALA A 415 1.84 1.22 7.67
N GLY A 416 3.11 0.84 7.77
CA GLY A 416 3.93 0.46 6.61
C GLY A 416 4.67 1.60 5.93
N GLU A 417 4.29 2.84 6.19
CA GLU A 417 4.93 3.99 5.55
C GLU A 417 6.31 4.38 6.11
N PRO A 418 7.19 4.82 5.21
CA PRO A 418 8.49 5.34 5.61
C PRO A 418 8.27 6.74 6.21
N PRO A 419 9.06 7.10 7.23
CA PRO A 419 8.95 8.43 7.84
C PRO A 419 9.06 9.61 6.88
N ILE A 420 8.42 10.72 7.24
CA ILE A 420 8.49 11.95 6.46
C ILE A 420 9.07 12.99 7.41
N PRO A 421 10.24 13.56 7.07
CA PRO A 421 10.81 14.52 8.02
C PRO A 421 9.86 15.66 8.33
N GLY A 422 9.78 16.07 9.58
CA GLY A 422 8.89 17.19 9.94
C GLY A 422 7.44 16.77 10.20
N ALA A 423 7.10 15.53 9.87
CA ALA A 423 5.74 15.06 10.05
C ALA A 423 5.68 13.96 11.10
N ASP A 424 6.38 14.19 12.21
CA ASP A 424 6.41 13.21 13.29
C ASP A 424 5.90 13.83 14.58
N SER A 425 5.73 12.97 15.59
CA SER A 425 5.18 13.41 16.86
C SER A 425 6.02 14.44 17.55
N ARG A 426 7.35 14.33 17.42
CA ARG A 426 8.23 15.29 18.07
C ARG A 426 8.04 16.67 17.44
N ALA A 427 7.89 16.70 16.12
CA ALA A 427 7.70 17.99 15.43
C ALA A 427 6.40 18.59 15.89
N LEU A 428 5.35 17.78 15.89
CA LEU A 428 4.03 18.24 16.33
C LEU A 428 4.07 18.76 17.79
N CYS A 429 4.80 18.03 18.64
N CYS A 429 4.73 18.02 18.69
CA CYS A 429 5.01 18.43 20.04
CA CYS A 429 4.84 18.47 20.08
C CYS A 429 5.69 19.80 20.11
C CYS A 429 5.48 19.85 20.19
N ARG A 430 6.64 20.05 19.21
N ARG A 430 6.51 20.11 19.39
CA ARG A 430 7.35 21.33 19.19
CA ARG A 430 7.19 21.40 19.43
C ARG A 430 6.41 22.49 18.86
C ARG A 430 6.28 22.51 18.94
N THR A 431 5.60 22.29 17.82
CA THR A 431 4.66 23.30 17.34
C THR A 431 3.66 23.67 18.45
N ILE A 432 3.16 22.65 19.15
CA ILE A 432 2.19 22.85 20.21
C ILE A 432 2.83 23.49 21.43
N ARG A 433 4.02 23.05 21.79
CA ARG A 433 4.71 23.63 22.94
C ARG A 433 5.06 25.08 22.68
N ASN A 434 5.50 25.40 21.46
CA ASN A 434 5.90 26.77 21.12
C ASN A 434 4.80 27.81 21.24
N ARG A 435 3.57 27.38 21.50
CA ARG A 435 2.47 28.31 21.67
C ARG A 435 2.30 28.76 23.14
N GLY A 436 3.08 28.18 24.05
CA GLY A 436 3.10 28.56 25.47
C GLY A 436 1.89 28.28 26.35
N LYS A 437 1.14 27.22 26.05
CA LYS A 437 -0.05 26.88 26.84
C LYS A 437 0.04 25.44 27.37
N LEU A 438 0.37 24.51 26.47
CA LEU A 438 0.57 23.11 26.84
C LEU A 438 2.03 22.75 26.76
N ASP A 439 2.43 21.80 27.58
CA ASP A 439 3.79 21.31 27.55
C ASP A 439 3.64 19.81 27.29
N PRO A 440 3.50 19.42 26.00
CA PRO A 440 3.28 18.00 25.72
C PRO A 440 4.37 17.03 26.12
N ILE A 441 3.97 15.82 26.47
CA ILE A 441 4.87 14.76 26.93
C ILE A 441 5.07 13.69 25.87
N LEU A 442 6.30 13.57 25.43
CA LEU A 442 6.64 12.62 24.41
C LEU A 442 6.83 11.22 25.00
N VAL A 443 6.02 10.25 24.59
CA VAL A 443 6.17 8.91 25.13
C VAL A 443 6.99 8.13 24.11
N PRO A 444 8.23 7.80 24.47
CA PRO A 444 9.15 7.14 23.55
C PRO A 444 8.84 5.69 23.23
N ASP A 445 8.03 5.05 24.05
CA ASP A 445 7.66 3.64 23.88
C ASP A 445 6.19 3.38 24.10
N SER A 446 5.73 2.29 23.49
CA SER A 446 4.39 1.82 23.73
C SER A 446 4.42 1.23 25.16
N GLU A 447 5.50 0.54 25.51
CA GLU A 447 5.62 -0.05 26.85
C GLU A 447 5.75 0.95 27.98
N SER A 448 6.20 2.17 27.67
CA SER A 448 6.37 3.24 28.65
C SER A 448 5.11 4.05 28.89
N ALA A 449 4.12 3.90 28.01
CA ALA A 449 2.89 4.67 28.11
C ALA A 449 2.17 4.55 29.46
N PRO A 450 1.99 3.33 29.95
CA PRO A 450 1.30 3.19 31.21
C PRO A 450 1.98 3.92 32.37
N GLU A 451 3.31 3.81 32.45
CA GLU A 451 4.07 4.46 33.53
C GLU A 451 3.98 5.98 33.44
N MET A 452 4.19 6.52 32.25
CA MET A 452 4.19 7.97 32.08
C MET A 452 2.81 8.54 32.26
N LEU A 453 1.80 7.76 31.93
CA LEU A 453 0.44 8.23 32.14
C LEU A 453 0.17 8.18 33.65
N ALA A 454 0.46 7.03 34.26
CA ALA A 454 0.28 6.83 35.69
C ALA A 454 0.86 7.97 36.51
N GLN A 455 2.05 8.41 36.15
CA GLN A 455 2.73 9.46 36.88
C GLN A 455 2.03 10.81 36.89
N ILE A 456 1.33 11.19 35.82
CA ILE A 456 0.69 12.53 35.83
C ILE A 456 -0.79 12.56 36.17
N LEU A 457 -1.42 11.41 36.41
CA LEU A 457 -2.87 11.36 36.71
C LEU A 457 -3.28 11.98 38.05
N ASN A 458 -4.35 12.76 38.01
CA ASN A 458 -4.96 13.40 39.18
C ASN A 458 -6.39 12.91 39.32
N GLY A 459 -6.92 12.97 40.55
CA GLY A 459 -8.33 12.59 40.77
C GLY A 459 -9.21 13.49 39.92
N GLU A 460 -10.31 12.97 39.43
CA GLU A 460 -11.21 13.73 38.53
C GLU A 460 -10.69 13.91 37.12
N ASP A 461 -9.67 13.15 36.74
CA ASP A 461 -9.17 13.21 35.36
C ASP A 461 -10.09 12.39 34.43
N LEU A 462 -10.20 12.84 33.19
CA LEU A 462 -10.92 12.12 32.14
C LEU A 462 -9.82 11.83 31.10
N ILE A 463 -9.45 10.55 30.96
CA ILE A 463 -8.38 10.15 30.05
C ILE A 463 -8.94 9.75 28.70
N LEU A 464 -8.40 10.33 27.63
CA LEU A 464 -8.81 9.95 26.28
C LEU A 464 -7.65 9.20 25.65
N VAL A 465 -7.82 7.91 25.41
CA VAL A 465 -6.77 7.13 24.76
C VAL A 465 -7.29 7.19 23.35
N GLN A 466 -6.62 8.01 22.55
CA GLN A 466 -7.06 8.38 21.22
C GLN A 466 -6.14 7.93 20.08
N GLY A 467 -6.68 7.28 19.07
CA GLY A 467 -5.86 6.85 17.94
C GLY A 467 -6.28 5.54 17.31
N ALA A 468 -5.96 5.38 16.03
CA ALA A 468 -6.38 4.20 15.26
C ALA A 468 -5.46 3.00 15.24
N GLY A 469 -4.18 3.14 15.60
CA GLY A 469 -3.27 2.00 15.50
C GLY A 469 -3.13 1.24 16.80
N ASN A 470 -1.87 0.96 17.15
CA ASN A 470 -1.44 0.29 18.39
C ASN A 470 -2.04 0.73 19.69
N ILE A 471 -2.45 1.98 19.73
CA ILE A 471 -2.97 2.51 20.95
C ILE A 471 -4.21 1.73 21.45
N GLY A 472 -4.90 1.08 20.53
CA GLY A 472 -6.08 0.28 20.90
C GLY A 472 -5.71 -0.74 21.95
N LYS A 473 -4.59 -1.43 21.75
N LYS A 473 -4.59 -1.40 21.75
CA LYS A 473 -4.13 -2.42 22.72
CA LYS A 473 -4.09 -2.42 22.68
C LYS A 473 -3.77 -1.78 24.05
C LYS A 473 -3.74 -1.80 24.03
N ILE A 474 -3.12 -0.62 24.00
CA ILE A 474 -2.74 0.09 25.23
C ILE A 474 -3.98 0.39 26.09
N ALA A 475 -5.07 0.80 25.45
CA ALA A 475 -6.32 1.11 26.14
C ALA A 475 -6.84 -0.13 26.85
N ARG A 476 -6.88 -1.25 26.13
N ARG A 476 -6.85 -1.23 26.11
CA ARG A 476 -7.33 -2.52 26.67
CA ARG A 476 -7.30 -2.53 26.55
C ARG A 476 -6.52 -2.89 27.89
C ARG A 476 -6.51 -2.96 27.81
N LYS A 477 -5.20 -2.78 27.78
CA LYS A 477 -4.32 -3.12 28.90
C LYS A 477 -4.50 -2.12 30.07
N LEU A 478 -4.62 -0.83 29.79
CA LEU A 478 -4.84 0.13 30.87
C LEU A 478 -6.10 -0.26 31.66
N ALA A 479 -7.15 -0.70 30.94
CA ALA A 479 -8.41 -1.12 31.59
C ALA A 479 -8.26 -2.41 32.40
N GLU A 480 -7.64 -3.41 31.79
CA GLU A 480 -7.41 -4.70 32.44
C GLU A 480 -6.62 -4.57 33.75
N HIS A 481 -5.62 -3.70 33.78
CA HIS A 481 -4.82 -3.50 34.97
C HIS A 481 -5.30 -2.30 35.84
N LYS A 482 -6.43 -1.72 35.48
CA LYS A 482 -6.95 -0.60 36.25
C LYS A 482 -5.98 0.56 36.37
N LEU A 483 -5.30 0.89 35.28
CA LEU A 483 -4.35 2.01 35.22
C LEU A 483 -3.06 1.80 36.04
N GLN A 484 -2.86 0.61 36.57
CA GLN A 484 -1.67 0.32 37.36
C GLN A 484 -0.56 -0.16 36.45
N PRO A 485 0.62 0.49 36.50
CA PRO A 485 1.70 0.02 35.64
C PRO A 485 2.24 -1.32 36.14
N GLN A 486 2.62 -2.19 35.21
CA GLN A 486 3.11 -3.52 35.55
C GLN A 486 4.64 -3.65 35.49
N GLU B 18 -1.33 -16.77 -36.58
CA GLU B 18 -0.70 -17.89 -37.34
C GLU B 18 0.21 -18.69 -36.40
N MET B 19 0.70 -18.02 -35.36
CA MET B 19 1.55 -18.66 -34.36
C MET B 19 0.76 -19.65 -33.53
N ARG B 20 -0.56 -19.49 -33.55
CA ARG B 20 -1.45 -20.30 -32.73
C ARG B 20 -1.62 -21.75 -33.18
N ARG B 21 -1.03 -22.13 -34.30
CA ARG B 21 -1.11 -23.54 -34.74
C ARG B 21 -0.02 -24.33 -33.97
N VAL B 22 0.85 -23.59 -33.29
CA VAL B 22 1.93 -24.12 -32.46
C VAL B 22 1.39 -24.53 -31.09
N ARG B 23 1.70 -25.74 -30.65
CA ARG B 23 1.16 -26.20 -29.39
C ARG B 23 2.17 -26.35 -28.24
N HIS B 24 3.44 -26.60 -28.52
CA HIS B 24 4.38 -26.86 -27.44
C HIS B 24 5.71 -26.08 -27.48
N ILE B 25 5.90 -25.24 -26.46
CA ILE B 25 7.09 -24.42 -26.36
C ILE B 25 7.98 -24.94 -25.22
N HIS B 26 9.22 -25.32 -25.54
CA HIS B 26 10.15 -25.81 -24.54
C HIS B 26 11.25 -24.79 -24.23
N PHE B 27 11.44 -24.49 -22.94
CA PHE B 27 12.44 -23.53 -22.46
C PHE B 27 13.64 -24.16 -21.77
N VAL B 28 14.85 -23.91 -22.27
CA VAL B 28 16.08 -24.39 -21.64
C VAL B 28 16.59 -23.26 -20.74
N GLY B 29 16.58 -23.49 -19.44
CA GLY B 29 16.98 -22.44 -18.48
C GLY B 29 15.77 -21.62 -18.07
N ILE B 30 14.64 -22.28 -17.93
CA ILE B 30 13.35 -21.65 -17.62
C ILE B 30 13.25 -21.00 -16.23
N GLY B 31 14.24 -21.22 -15.37
CA GLY B 31 14.23 -20.63 -14.03
C GLY B 31 14.62 -19.17 -13.95
N GLY B 32 15.23 -18.61 -15.00
CA GLY B 32 15.60 -17.18 -14.98
C GLY B 32 14.39 -16.25 -15.06
N ALA B 33 14.51 -15.04 -14.51
CA ALA B 33 13.41 -14.06 -14.52
C ALA B 33 12.96 -13.73 -15.97
N GLY B 34 13.93 -13.51 -16.86
CA GLY B 34 13.64 -13.23 -18.26
C GLY B 34 12.92 -14.38 -18.94
N MET B 35 13.39 -15.59 -18.71
CA MET B 35 12.76 -16.74 -19.33
C MET B 35 11.39 -17.02 -18.70
N GLY B 36 11.34 -16.97 -17.38
CA GLY B 36 10.14 -17.23 -16.60
C GLY B 36 8.93 -16.40 -16.99
N GLY B 37 9.15 -15.09 -17.15
CA GLY B 37 8.11 -14.13 -17.54
C GLY B 37 7.47 -14.49 -18.88
N ILE B 38 8.32 -14.74 -19.87
CA ILE B 38 7.85 -15.12 -21.20
C ILE B 38 7.02 -16.39 -21.10
N ALA B 39 7.58 -17.40 -20.44
CA ALA B 39 6.90 -18.69 -20.24
C ALA B 39 5.52 -18.55 -19.59
N GLU B 40 5.41 -17.69 -18.58
CA GLU B 40 4.13 -17.43 -17.93
C GLU B 40 3.10 -16.86 -18.89
N VAL B 41 3.47 -15.80 -19.58
CA VAL B 41 2.57 -15.18 -20.53
C VAL B 41 2.05 -16.25 -21.50
N LEU B 42 2.96 -17.05 -22.03
CA LEU B 42 2.55 -18.08 -23.00
C LEU B 42 1.64 -19.16 -22.38
N ALA B 43 1.90 -19.55 -21.13
CA ALA B 43 1.05 -20.54 -20.47
C ALA B 43 -0.36 -19.98 -20.30
N ASN B 44 -0.43 -18.69 -19.97
CA ASN B 44 -1.71 -18.03 -19.83
C ASN B 44 -2.41 -17.80 -21.16
N GLU B 45 -1.67 -17.86 -22.25
CA GLU B 45 -2.31 -17.76 -23.56
C GLU B 45 -2.91 -19.11 -23.93
N GLY B 46 -2.48 -20.18 -23.27
CA GLY B 46 -3.02 -21.51 -23.55
C GLY B 46 -2.06 -22.46 -24.25
N TYR B 47 -0.78 -22.10 -24.35
CA TYR B 47 0.21 -22.97 -24.97
C TYR B 47 0.69 -24.05 -24.00
N GLN B 48 1.10 -25.19 -24.55
CA GLN B 48 1.71 -26.24 -23.73
C GLN B 48 3.16 -25.77 -23.49
N ILE B 49 3.57 -25.71 -22.23
CA ILE B 49 4.87 -25.24 -21.83
C ILE B 49 5.71 -26.27 -21.07
N SER B 50 6.98 -26.39 -21.45
CA SER B 50 7.91 -27.26 -20.75
C SER B 50 9.21 -26.49 -20.67
N GLY B 51 10.10 -26.96 -19.81
CA GLY B 51 11.40 -26.35 -19.64
C GLY B 51 12.28 -27.16 -18.72
N SER B 52 13.52 -26.73 -18.61
CA SER B 52 14.51 -27.40 -17.79
C SER B 52 15.35 -26.36 -17.12
N ASP B 53 15.92 -26.72 -15.98
CA ASP B 53 16.83 -25.86 -15.27
C ASP B 53 17.59 -26.75 -14.27
N LEU B 54 18.75 -26.30 -13.80
CA LEU B 54 19.55 -27.12 -12.91
C LEU B 54 19.04 -27.14 -11.47
N ALA B 55 18.31 -26.12 -11.05
CA ALA B 55 17.78 -26.15 -9.70
C ALA B 55 16.45 -25.47 -9.63
N PRO B 56 15.58 -25.91 -8.72
CA PRO B 56 14.30 -25.23 -8.61
C PRO B 56 14.42 -23.91 -7.84
N ASN B 57 13.47 -23.01 -8.06
CA ASN B 57 13.39 -21.72 -7.40
C ASN B 57 11.92 -21.33 -7.47
N SER B 58 11.57 -20.18 -6.92
CA SER B 58 10.17 -19.74 -6.90
C SER B 58 9.59 -19.67 -8.31
N VAL B 59 10.42 -19.30 -9.27
CA VAL B 59 9.97 -19.20 -10.65
C VAL B 59 9.51 -20.55 -11.19
N THR B 60 10.26 -21.61 -10.96
CA THR B 60 9.83 -22.91 -11.48
C THR B 60 8.59 -23.40 -10.71
N GLN B 61 8.50 -23.10 -9.41
CA GLN B 61 7.35 -23.53 -8.59
C GLN B 61 6.06 -23.05 -9.23
N HIS B 62 6.04 -21.75 -9.52
CA HIS B 62 4.87 -21.09 -10.11
C HIS B 62 4.47 -21.63 -11.48
N LEU B 63 5.43 -21.88 -12.36
CA LEU B 63 5.11 -22.39 -13.70
C LEU B 63 4.56 -23.81 -13.64
N THR B 64 5.08 -24.59 -12.69
CA THR B 64 4.60 -25.97 -12.48
C THR B 64 3.15 -25.86 -12.01
N ALA B 65 2.88 -24.86 -11.17
CA ALA B 65 1.54 -24.62 -10.67
C ALA B 65 0.59 -24.22 -11.82
N LEU B 66 1.16 -23.73 -12.92
CA LEU B 66 0.35 -23.31 -14.05
C LEU B 66 0.21 -24.39 -15.12
N GLY B 67 0.71 -25.59 -14.85
CA GLY B 67 0.60 -26.66 -15.84
C GLY B 67 1.85 -26.90 -16.64
N ALA B 68 2.95 -26.22 -16.31
CA ALA B 68 4.21 -26.45 -17.02
C ALA B 68 4.91 -27.73 -16.52
N GLN B 69 5.59 -28.44 -17.42
CA GLN B 69 6.34 -29.64 -17.08
C GLN B 69 7.82 -29.23 -17.00
N ILE B 70 8.34 -29.11 -15.79
CA ILE B 70 9.72 -28.70 -15.57
C ILE B 70 10.64 -29.88 -15.25
N TYR B 71 11.76 -29.98 -15.96
CA TYR B 71 12.77 -31.03 -15.71
C TYR B 71 14.00 -30.42 -15.04
N PHE B 72 14.60 -31.12 -14.09
CA PHE B 72 15.81 -30.61 -13.44
C PHE B 72 17.04 -31.41 -13.94
N HIS B 73 17.22 -31.33 -15.26
CA HIS B 73 18.32 -31.99 -15.98
C HIS B 73 18.18 -31.56 -17.42
N HIS B 74 19.12 -31.98 -18.26
CA HIS B 74 19.12 -31.64 -19.66
C HIS B 74 19.04 -32.87 -20.54
N ARG B 75 18.21 -33.84 -20.19
CA ARG B 75 18.13 -35.02 -21.03
C ARG B 75 17.59 -34.70 -22.44
N PRO B 76 18.10 -35.43 -23.45
CA PRO B 76 17.70 -35.22 -24.86
C PRO B 76 16.20 -35.35 -25.09
N GLU B 77 15.53 -36.23 -24.37
CA GLU B 77 14.09 -36.41 -24.52
C GLU B 77 13.27 -35.24 -23.97
N ASN B 78 13.89 -34.30 -23.26
CA ASN B 78 13.15 -33.14 -22.76
C ASN B 78 12.53 -32.31 -23.89
N VAL B 79 13.06 -32.46 -25.09
CA VAL B 79 12.57 -31.69 -26.22
C VAL B 79 11.58 -32.44 -27.13
N LEU B 80 11.37 -33.73 -26.90
CA LEU B 80 10.49 -34.51 -27.77
C LEU B 80 9.15 -33.81 -28.04
N ASP B 81 8.75 -33.83 -29.31
CA ASP B 81 7.48 -33.22 -29.77
C ASP B 81 7.32 -31.70 -29.58
N ALA B 82 8.42 -31.00 -29.26
CA ALA B 82 8.35 -29.56 -29.07
C ALA B 82 8.26 -28.81 -30.40
N SER B 83 7.51 -27.72 -30.41
CA SER B 83 7.37 -26.91 -31.62
C SER B 83 8.59 -26.02 -31.82
N VAL B 84 9.23 -25.67 -30.69
CA VAL B 84 10.37 -24.78 -30.69
C VAL B 84 11.05 -24.88 -29.35
N VAL B 85 12.38 -24.68 -29.34
CA VAL B 85 13.15 -24.69 -28.12
C VAL B 85 13.72 -23.29 -27.94
N VAL B 86 13.45 -22.68 -26.79
CA VAL B 86 13.90 -21.33 -26.46
C VAL B 86 15.03 -21.45 -25.47
N VAL B 87 16.15 -20.79 -25.76
CA VAL B 87 17.32 -20.91 -24.89
C VAL B 87 17.79 -19.57 -24.32
N SER B 88 18.14 -19.61 -23.03
CA SER B 88 18.64 -18.44 -22.34
C SER B 88 20.00 -18.18 -22.96
N THR B 89 20.63 -17.11 -22.54
CA THR B 89 21.90 -16.70 -23.12
C THR B 89 23.08 -17.54 -22.58
N ALA B 90 22.87 -18.18 -21.45
CA ALA B 90 23.92 -19.01 -20.84
C ALA B 90 24.13 -20.28 -21.69
N ILE B 91 23.08 -21.08 -21.81
CA ILE B 91 23.12 -22.35 -22.54
C ILE B 91 24.14 -22.43 -23.67
N SER B 92 25.00 -23.44 -23.59
CA SER B 92 26.02 -23.68 -24.59
C SER B 92 25.44 -24.37 -25.83
N ALA B 93 26.07 -24.13 -26.98
CA ALA B 93 25.63 -24.73 -28.24
C ALA B 93 25.65 -26.27 -28.23
N ASP B 94 26.47 -26.87 -27.39
CA ASP B 94 26.53 -28.32 -27.36
C ASP B 94 25.73 -28.92 -26.19
N ASN B 95 24.81 -28.13 -25.65
CA ASN B 95 23.95 -28.61 -24.56
C ASN B 95 23.11 -29.72 -25.17
N PRO B 96 23.03 -30.88 -24.49
CA PRO B 96 22.30 -32.04 -25.02
C PRO B 96 20.89 -31.74 -25.54
N GLU B 97 20.21 -30.76 -24.94
CA GLU B 97 18.84 -30.40 -25.40
C GLU B 97 18.87 -29.70 -26.76
N ILE B 98 19.86 -28.83 -26.95
CA ILE B 98 20.04 -28.14 -28.23
C ILE B 98 20.46 -29.13 -29.30
N VAL B 99 21.38 -30.05 -28.95
CA VAL B 99 21.83 -31.06 -29.90
C VAL B 99 20.65 -31.95 -30.30
N ALA B 100 19.84 -32.32 -29.34
CA ALA B 100 18.69 -33.15 -29.65
C ALA B 100 17.72 -32.37 -30.54
N ALA B 101 17.44 -31.10 -30.18
CA ALA B 101 16.51 -30.29 -30.99
C ALA B 101 16.97 -30.19 -32.44
N ARG B 102 18.26 -29.89 -32.62
N ARG B 102 18.25 -29.88 -32.65
CA ARG B 102 18.85 -29.76 -33.95
CA ARG B 102 18.75 -29.78 -34.03
C ARG B 102 18.84 -31.07 -34.74
C ARG B 102 18.72 -31.10 -34.76
N GLU B 103 18.87 -32.21 -34.05
CA GLU B 103 18.82 -33.55 -34.70
C GLU B 103 17.38 -33.87 -35.14
N ALA B 104 16.40 -33.35 -34.42
CA ALA B 104 14.97 -33.55 -34.77
C ALA B 104 14.44 -32.38 -35.59
N ARG B 105 15.33 -31.47 -35.98
CA ARG B 105 14.97 -30.28 -36.78
C ARG B 105 13.89 -29.44 -36.13
N ILE B 106 13.99 -29.32 -34.81
CA ILE B 106 13.07 -28.47 -34.09
C ILE B 106 13.82 -27.14 -34.00
N PRO B 107 13.20 -26.07 -34.49
CA PRO B 107 13.89 -24.78 -34.42
C PRO B 107 14.26 -24.38 -33.00
N VAL B 108 15.43 -23.78 -32.88
CA VAL B 108 15.96 -23.30 -31.61
C VAL B 108 16.13 -21.79 -31.70
N ILE B 109 15.50 -21.04 -30.79
CA ILE B 109 15.64 -19.59 -30.82
C ILE B 109 15.99 -19.10 -29.42
N ARG B 110 16.39 -17.84 -29.33
CA ARG B 110 16.73 -17.22 -28.05
C ARG B 110 15.56 -16.54 -27.40
N ARG B 111 15.71 -16.29 -26.11
N ARG B 111 15.68 -16.27 -26.11
CA ARG B 111 14.71 -15.62 -25.31
CA ARG B 111 14.63 -15.59 -25.38
C ARG B 111 14.23 -14.34 -26.00
C ARG B 111 14.19 -14.33 -26.10
N ALA B 112 15.17 -13.51 -26.43
CA ALA B 112 14.91 -12.22 -27.11
C ALA B 112 14.04 -12.38 -28.33
N GLU B 113 14.21 -13.50 -29.05
CA GLU B 113 13.41 -13.74 -30.22
C GLU B 113 11.98 -14.14 -29.83
N MET B 114 11.80 -14.86 -28.72
CA MET B 114 10.44 -15.23 -28.30
C MET B 114 9.73 -13.98 -27.80
N LEU B 115 10.46 -13.07 -27.19
CA LEU B 115 9.89 -11.80 -26.74
C LEU B 115 9.46 -11.05 -28.00
N ALA B 116 10.25 -11.10 -29.06
CA ALA B 116 9.88 -10.41 -30.30
C ALA B 116 8.58 -10.94 -30.83
N GLU B 117 8.39 -12.26 -30.73
CA GLU B 117 7.15 -12.90 -31.17
C GLU B 117 5.94 -12.41 -30.42
N LEU B 118 6.07 -12.21 -29.11
CA LEU B 118 4.94 -11.68 -28.33
C LEU B 118 4.60 -10.26 -28.83
N MET B 119 5.60 -9.52 -29.24
CA MET B 119 5.39 -8.15 -29.70
C MET B 119 4.96 -8.01 -31.18
N ARG B 120 5.04 -9.10 -31.94
CA ARG B 120 4.72 -9.15 -33.37
C ARG B 120 3.39 -8.49 -33.79
N TYR B 121 2.29 -8.89 -33.17
CA TYR B 121 1.00 -8.31 -33.52
C TYR B 121 0.45 -7.46 -32.36
N ARG B 122 1.34 -6.88 -31.57
CA ARG B 122 0.90 -6.04 -30.47
C ARG B 122 1.50 -4.65 -30.60
N HIS B 123 0.99 -3.73 -29.83
CA HIS B 123 1.53 -2.40 -29.86
C HIS B 123 2.62 -2.45 -28.81
N GLY B 124 3.85 -2.71 -29.24
CA GLY B 124 4.94 -2.83 -28.28
C GLY B 124 5.61 -1.52 -27.88
N ILE B 125 5.87 -1.43 -26.58
CA ILE B 125 6.54 -0.32 -25.97
C ILE B 125 7.80 -0.94 -25.33
N ALA B 126 8.96 -0.71 -25.95
CA ALA B 126 10.23 -1.29 -25.53
C ALA B 126 11.07 -0.28 -24.76
N VAL B 127 11.42 -0.64 -23.55
CA VAL B 127 12.19 0.24 -22.66
C VAL B 127 13.65 -0.18 -22.56
N ALA B 128 14.55 0.66 -23.07
CA ALA B 128 15.98 0.41 -23.11
C ALA B 128 16.77 1.48 -22.33
N GLY B 129 18.04 1.18 -22.12
CA GLY B 129 18.94 2.05 -21.39
C GLY B 129 19.75 1.22 -20.42
N THR B 130 20.87 1.77 -19.94
CA THR B 130 21.72 1.06 -19.00
C THR B 130 21.16 0.97 -17.59
N HIS B 131 20.58 2.07 -17.11
CA HIS B 131 19.98 2.14 -15.79
C HIS B 131 18.53 2.69 -15.86
N GLY B 132 17.61 2.13 -15.08
CA GLY B 132 16.24 2.63 -15.06
C GLY B 132 15.20 1.90 -15.89
N LYS B 133 15.62 0.94 -16.70
CA LYS B 133 14.71 0.20 -17.54
C LYS B 133 13.57 -0.46 -16.78
N THR B 134 13.89 -1.13 -15.69
CA THR B 134 12.89 -1.88 -14.93
C THR B 134 11.90 -0.95 -14.25
N THR B 135 12.42 0.11 -13.64
CA THR B 135 11.57 1.07 -12.97
C THR B 135 10.67 1.78 -13.96
N THR B 136 11.24 2.19 -15.10
CA THR B 136 10.47 2.92 -16.13
C THR B 136 9.34 2.01 -16.69
N THR B 137 9.68 0.76 -16.96
CA THR B 137 8.71 -0.21 -17.46
C THR B 137 7.56 -0.35 -16.45
N ALA B 138 7.91 -0.44 -15.17
CA ALA B 138 6.93 -0.54 -14.10
C ALA B 138 6.07 0.73 -13.99
N MET B 139 6.67 1.90 -14.15
CA MET B 139 5.90 3.15 -14.11
C MET B 139 4.93 3.21 -15.29
N LEU B 140 5.38 2.80 -16.47
CA LEU B 140 4.49 2.80 -17.64
C LEU B 140 3.34 1.85 -17.47
N SER B 141 3.63 0.66 -16.96
CA SER B 141 2.59 -0.32 -16.78
C SER B 141 1.53 0.19 -15.78
N SER B 142 1.93 0.93 -14.76
CA SER B 142 0.94 1.43 -13.81
C SER B 142 0.08 2.56 -14.45
N ILE B 143 0.64 3.37 -15.33
CA ILE B 143 -0.14 4.41 -16.03
C ILE B 143 -1.15 3.75 -16.98
N TYR B 144 -0.69 2.78 -17.77
CA TYR B 144 -1.57 2.08 -18.69
C TYR B 144 -2.67 1.33 -17.94
N ALA B 145 -2.35 0.70 -16.83
CA ALA B 145 -3.39 0.00 -16.06
C ALA B 145 -4.43 1.01 -15.51
N GLU B 146 -3.95 2.12 -14.92
CA GLU B 146 -4.85 3.16 -14.38
C GLU B 146 -5.71 3.71 -15.52
N ALA B 147 -5.15 3.86 -16.71
CA ALA B 147 -5.94 4.36 -17.84
C ALA B 147 -6.97 3.36 -18.37
N GLY B 148 -7.06 2.17 -17.76
CA GLY B 148 -7.98 1.14 -18.17
C GLY B 148 -7.54 0.38 -19.42
N LEU B 149 -6.25 0.40 -19.75
CA LEU B 149 -5.78 -0.28 -20.95
C LEU B 149 -5.06 -1.64 -20.73
N ASP B 150 -5.30 -2.27 -19.57
CA ASP B 150 -4.76 -3.59 -19.16
C ASP B 150 -3.68 -4.20 -20.08
N PRO B 151 -2.46 -3.67 -20.01
CA PRO B 151 -1.40 -4.12 -20.88
C PRO B 151 -0.70 -5.39 -20.44
N THR B 152 -0.10 -6.06 -21.40
CA THR B 152 0.75 -7.20 -21.10
C THR B 152 2.10 -6.53 -20.79
N PHE B 153 2.79 -6.97 -19.73
CA PHE B 153 4.12 -6.46 -19.47
C PHE B 153 5.08 -7.59 -19.17
N VAL B 154 6.35 -7.37 -19.49
CA VAL B 154 7.42 -8.31 -19.22
C VAL B 154 8.55 -7.47 -18.70
N ASN B 155 8.81 -7.60 -17.41
CA ASN B 155 9.78 -6.74 -16.76
C ASN B 155 10.94 -7.50 -16.12
N GLY B 156 12.06 -6.81 -15.92
CA GLY B 156 13.26 -7.43 -15.33
C GLY B 156 13.24 -7.53 -13.81
N GLY B 157 12.13 -7.11 -13.20
CA GLY B 157 11.96 -7.17 -11.77
C GLY B 157 10.50 -7.31 -11.37
N LEU B 158 10.27 -7.68 -10.11
CA LEU B 158 8.94 -7.86 -9.58
C LEU B 158 8.16 -6.56 -9.49
N VAL B 159 7.09 -6.42 -10.26
CA VAL B 159 6.26 -5.22 -10.21
C VAL B 159 5.33 -5.42 -9.04
N LYS B 160 5.56 -4.68 -7.96
CA LYS B 160 4.81 -4.84 -6.72
C LYS B 160 3.29 -4.68 -6.83
N ALA B 161 2.80 -3.76 -7.66
CA ALA B 161 1.33 -3.61 -7.79
C ALA B 161 0.68 -4.89 -8.40
N ALA B 162 1.46 -5.63 -9.18
CA ALA B 162 1.02 -6.85 -9.86
C ALA B 162 1.41 -8.15 -9.16
N GLY B 163 2.51 -8.14 -8.43
CA GLY B 163 2.97 -9.34 -7.72
C GLY B 163 3.83 -10.25 -8.60
N THR B 164 4.15 -9.81 -9.81
CA THR B 164 4.98 -10.61 -10.70
C THR B 164 5.85 -9.73 -11.57
N HIS B 165 6.79 -10.39 -12.24
N HIS B 165 6.79 -10.37 -12.25
CA HIS B 165 7.72 -9.79 -13.19
CA HIS B 165 7.68 -9.71 -13.18
C HIS B 165 7.05 -9.63 -14.55
C HIS B 165 7.07 -9.64 -14.58
N ALA B 166 6.02 -10.44 -14.81
CA ALA B 166 5.34 -10.44 -16.10
C ALA B 166 3.87 -10.78 -15.98
N ARG B 167 3.06 -10.28 -16.92
CA ARG B 167 1.62 -10.57 -16.92
C ARG B 167 0.98 -10.38 -18.29
N LEU B 168 0.12 -11.32 -18.66
CA LEU B 168 -0.65 -11.26 -19.88
C LEU B 168 -1.88 -10.36 -19.63
N GLY B 169 -2.05 -9.32 -20.43
CA GLY B 169 -3.18 -8.40 -20.30
C GLY B 169 -4.20 -8.73 -21.37
N SER B 170 -5.28 -7.96 -21.43
CA SER B 170 -6.34 -8.20 -22.38
C SER B 170 -6.33 -7.27 -23.59
N SER B 171 -5.53 -6.21 -23.55
CA SER B 171 -5.45 -5.28 -24.68
C SER B 171 -4.34 -5.72 -25.61
N ARG B 172 -4.04 -4.90 -26.62
CA ARG B 172 -2.94 -5.14 -27.58
C ARG B 172 -1.62 -4.49 -27.16
N TYR B 173 -1.58 -3.81 -26.00
CA TYR B 173 -0.34 -3.17 -25.59
C TYR B 173 0.63 -4.14 -24.93
N LEU B 174 1.90 -4.03 -25.25
CA LEU B 174 2.93 -4.85 -24.66
C LEU B 174 4.04 -3.92 -24.21
N ILE B 175 4.26 -3.82 -22.89
CA ILE B 175 5.29 -2.98 -22.31
C ILE B 175 6.40 -3.93 -21.83
N ALA B 176 7.62 -3.72 -22.33
CA ALA B 176 8.73 -4.62 -22.03
C ALA B 176 10.09 -3.97 -21.95
N GLU B 177 10.86 -4.41 -20.97
CA GLU B 177 12.23 -4.01 -20.80
C GLU B 177 13.00 -4.62 -22.01
N ALA B 178 13.80 -3.78 -22.67
CA ALA B 178 14.61 -4.16 -23.84
C ALA B 178 16.07 -4.27 -23.44
N ASP B 179 16.57 -5.49 -23.42
CA ASP B 179 17.93 -5.75 -22.97
C ASP B 179 18.96 -5.51 -24.05
N GLU B 180 19.98 -4.69 -23.71
CA GLU B 180 21.03 -4.38 -24.68
C GLU B 180 22.12 -5.44 -24.70
N SER B 181 22.19 -6.29 -23.67
CA SER B 181 23.22 -7.37 -23.62
C SER B 181 23.12 -8.26 -24.85
N ASP B 182 24.27 -8.50 -25.47
CA ASP B 182 24.40 -9.33 -26.69
C ASP B 182 23.51 -8.77 -27.82
N ALA B 183 23.15 -7.50 -27.73
CA ALA B 183 22.25 -6.91 -28.74
C ALA B 183 20.90 -7.66 -28.74
N SER B 184 20.49 -8.26 -27.62
CA SER B 184 19.22 -8.99 -27.59
C SER B 184 18.07 -8.15 -28.10
N PHE B 185 18.08 -6.86 -27.75
CA PHE B 185 17.00 -5.98 -28.20
C PHE B 185 16.88 -5.78 -29.71
N LEU B 186 17.86 -6.18 -30.52
CA LEU B 186 17.71 -5.97 -31.97
C LEU B 186 16.66 -6.85 -32.63
N HIS B 187 16.15 -7.85 -31.90
CA HIS B 187 15.07 -8.71 -32.43
C HIS B 187 13.71 -8.02 -32.32
N LEU B 188 13.58 -7.08 -31.38
CA LEU B 188 12.31 -6.40 -31.16
C LEU B 188 11.90 -5.38 -32.23
N GLN B 189 10.59 -5.37 -32.54
CA GLN B 189 9.98 -4.47 -33.50
C GLN B 189 8.91 -3.67 -32.76
N PRO B 190 9.31 -2.70 -31.95
CA PRO B 190 8.27 -1.96 -31.22
C PRO B 190 7.62 -0.81 -31.98
N MET B 191 6.63 -0.20 -31.37
CA MET B 191 5.97 0.98 -31.93
C MET B 191 6.53 2.21 -31.25
N VAL B 192 6.99 2.02 -30.01
CA VAL B 192 7.53 3.09 -29.17
C VAL B 192 8.77 2.51 -28.47
N ALA B 193 9.87 3.27 -28.47
CA ALA B 193 11.13 2.85 -27.84
C ALA B 193 11.63 3.96 -26.95
N ILE B 194 12.12 3.60 -25.78
CA ILE B 194 12.66 4.54 -24.82
C ILE B 194 14.13 4.23 -24.62
N VAL B 195 14.98 5.25 -24.50
CA VAL B 195 16.38 5.08 -24.12
C VAL B 195 16.64 6.01 -22.91
N THR B 196 16.73 5.43 -21.73
CA THR B 196 16.90 6.18 -20.46
C THR B 196 18.28 6.81 -20.29
N ASN B 197 19.30 6.10 -20.79
CA ASN B 197 20.69 6.50 -20.69
C ASN B 197 21.57 5.37 -21.27
N ILE B 198 22.83 5.70 -21.59
CA ILE B 198 23.81 4.72 -22.11
C ILE B 198 25.14 5.02 -21.41
N GLU B 199 25.60 4.09 -20.58
CA GLU B 199 26.83 4.30 -19.82
C GLU B 199 27.63 3.02 -19.89
N ALA B 200 28.94 3.14 -19.91
CA ALA B 200 29.84 1.97 -19.98
C ALA B 200 29.88 1.23 -18.66
N ASP B 201 30.07 -0.09 -18.75
CA ASP B 201 30.12 -0.97 -17.56
C ASP B 201 31.37 -1.84 -17.59
N ASP B 209 33.78 -2.97 -26.83
CA ASP B 209 33.94 -1.61 -27.34
C ASP B 209 32.67 -0.76 -27.08
N PHE B 210 32.82 0.31 -26.32
CA PHE B 210 31.70 1.20 -26.00
C PHE B 210 31.12 1.89 -27.24
N GLU B 211 31.97 2.19 -28.23
CA GLU B 211 31.48 2.83 -29.46
C GLU B 211 30.55 1.86 -30.23
N ASN B 212 30.85 0.57 -30.21
CA ASN B 212 30.00 -0.43 -30.87
C ASN B 212 28.66 -0.56 -30.15
N LEU B 213 28.72 -0.58 -28.83
CA LEU B 213 27.52 -0.66 -28.03
C LEU B 213 26.60 0.50 -28.38
N LYS B 214 27.15 1.72 -28.41
CA LYS B 214 26.38 2.92 -28.79
C LYS B 214 25.64 2.72 -30.07
N GLN B 215 26.32 2.17 -31.09
CA GLN B 215 25.67 1.91 -32.38
C GLN B 215 24.53 0.90 -32.28
N THR B 216 24.60 -0.06 -31.37
CA THR B 216 23.50 -1.03 -31.26
C THR B 216 22.23 -0.29 -30.80
N PHE B 217 22.33 0.71 -29.91
CA PHE B 217 21.16 1.53 -29.50
C PHE B 217 20.56 2.26 -30.73
N ILE B 218 21.40 2.71 -31.67
CA ILE B 218 20.91 3.36 -32.89
C ILE B 218 20.15 2.34 -33.75
N ASN B 219 20.67 1.12 -33.86
CA ASN B 219 20.02 0.08 -34.63
C ASN B 219 18.69 -0.27 -33.98
N PHE B 220 18.69 -0.33 -32.64
CA PHE B 220 17.48 -0.61 -31.89
C PHE B 220 16.46 0.46 -32.25
N LEU B 221 16.81 1.73 -32.16
CA LEU B 221 15.84 2.77 -32.50
C LEU B 221 15.39 2.65 -33.96
N HIS B 222 16.29 2.27 -34.88
CA HIS B 222 15.89 2.13 -36.29
C HIS B 222 14.96 0.94 -36.59
N ASN B 223 14.70 0.12 -35.57
CA ASN B 223 13.77 -0.98 -35.68
C ASN B 223 12.35 -0.41 -35.51
N LEU B 224 12.24 0.83 -35.05
CA LEU B 224 10.93 1.47 -35.00
C LEU B 224 10.43 1.64 -36.46
N PRO B 225 9.12 1.61 -36.68
CA PRO B 225 8.64 1.86 -38.03
C PRO B 225 8.74 3.35 -38.27
N PHE B 226 8.72 3.78 -39.53
CA PHE B 226 8.91 5.19 -39.83
C PHE B 226 7.94 6.12 -39.11
N TYR B 227 6.79 5.59 -38.71
CA TYR B 227 5.74 6.34 -38.00
C TYR B 227 5.76 6.10 -36.50
N GLY B 228 6.85 5.51 -36.01
CA GLY B 228 6.98 5.19 -34.61
C GLY B 228 7.54 6.38 -33.86
N ARG B 229 7.77 6.20 -32.58
CA ARG B 229 8.24 7.25 -31.73
C ARG B 229 9.35 6.76 -30.80
N ALA B 230 10.45 7.51 -30.77
CA ALA B 230 11.54 7.24 -29.86
C ALA B 230 11.42 8.30 -28.77
N VAL B 231 11.66 7.91 -27.52
CA VAL B 231 11.61 8.80 -26.37
C VAL B 231 13.00 8.65 -25.77
N MET B 232 13.74 9.75 -25.77
CA MET B 232 15.14 9.75 -25.40
C MET B 232 15.52 10.81 -24.37
N CYS B 233 16.30 10.39 -23.37
CA CYS B 233 16.77 11.28 -22.32
C CYS B 233 17.91 12.18 -22.80
N ILE B 234 17.61 13.46 -22.99
CA ILE B 234 18.58 14.41 -23.49
C ILE B 234 19.61 14.82 -22.40
N ASP B 235 19.31 14.61 -21.11
CA ASP B 235 20.29 14.92 -20.05
C ASP B 235 21.50 13.99 -20.11
N ASP B 236 21.31 12.78 -20.66
CA ASP B 236 22.42 11.84 -20.77
C ASP B 236 23.29 12.23 -21.96
N PRO B 237 24.57 12.56 -21.69
CA PRO B 237 25.45 12.98 -22.77
C PRO B 237 25.54 11.98 -23.94
N VAL B 238 25.54 10.69 -23.71
CA VAL B 238 25.63 9.76 -24.84
C VAL B 238 24.36 9.75 -25.68
N VAL B 239 23.21 9.70 -25.03
CA VAL B 239 21.95 9.73 -25.74
C VAL B 239 21.85 11.01 -26.61
N ARG B 240 22.28 12.14 -26.06
CA ARG B 240 22.26 13.40 -26.80
C ARG B 240 23.14 13.26 -28.06
N GLU B 241 24.30 12.65 -27.95
CA GLU B 241 25.17 12.45 -29.11
C GLU B 241 24.51 11.59 -30.20
N LEU B 242 23.58 10.73 -29.83
CA LEU B 242 22.92 9.89 -30.82
C LEU B 242 21.79 10.56 -31.62
N LEU B 243 21.07 11.46 -30.99
CA LEU B 243 19.91 12.14 -31.58
C LEU B 243 19.94 12.47 -33.06
N PRO B 244 20.97 13.20 -33.50
CA PRO B 244 21.08 13.62 -34.88
C PRO B 244 21.20 12.47 -35.88
N ARG B 245 21.49 11.27 -35.41
CA ARG B 245 21.62 10.17 -36.32
C ARG B 245 20.45 9.17 -36.19
N VAL B 246 19.42 9.54 -35.42
CA VAL B 246 18.23 8.71 -35.29
C VAL B 246 17.20 9.29 -36.28
N GLY B 247 16.94 8.59 -37.37
CA GLY B 247 16.02 9.09 -38.41
C GLY B 247 14.58 8.70 -38.15
N ARG B 248 14.10 9.04 -36.96
CA ARG B 248 12.75 8.74 -36.50
C ARG B 248 12.25 9.90 -35.68
N HIS B 249 10.94 9.96 -35.48
CA HIS B 249 10.32 10.99 -34.67
C HIS B 249 10.80 10.80 -33.23
N ILE B 250 11.31 11.87 -32.64
CA ILE B 250 11.86 11.84 -31.31
C ILE B 250 11.22 12.81 -30.35
N THR B 251 10.92 12.35 -29.15
CA THR B 251 10.42 13.22 -28.11
C THR B 251 11.47 13.10 -27.00
N THR B 252 12.15 14.19 -26.66
CA THR B 252 13.16 14.15 -25.62
C THR B 252 12.60 14.56 -24.28
N TYR B 253 13.29 14.17 -23.21
CA TYR B 253 12.91 14.49 -21.83
C TYR B 253 14.15 14.71 -20.97
N GLY B 254 13.99 15.44 -19.86
CA GLY B 254 15.07 15.72 -18.92
C GLY B 254 14.92 17.07 -18.24
N PHE B 255 15.91 17.45 -17.43
CA PHE B 255 15.91 18.76 -16.79
C PHE B 255 16.38 19.86 -17.75
N SER B 256 17.03 19.47 -18.86
CA SER B 256 17.60 20.44 -19.84
C SER B 256 16.55 21.36 -20.43
N ASP B 257 16.96 22.57 -20.74
CA ASP B 257 16.06 23.57 -21.33
C ASP B 257 15.60 23.20 -22.73
N ASP B 258 16.43 22.47 -23.49
CA ASP B 258 16.03 22.07 -24.84
C ASP B 258 15.16 20.78 -24.87
N ALA B 259 14.84 20.23 -23.70
CA ALA B 259 14.02 19.01 -23.66
C ALA B 259 12.56 19.25 -24.03
N ASP B 260 11.99 18.36 -24.85
CA ASP B 260 10.56 18.39 -25.22
C ASP B 260 9.69 18.19 -23.98
N VAL B 261 10.07 17.28 -23.10
CA VAL B 261 9.32 17.05 -21.87
C VAL B 261 10.30 17.44 -20.77
N GLN B 262 10.10 18.62 -20.17
CA GLN B 262 11.04 19.16 -19.18
C GLN B 262 10.58 19.12 -17.74
N ILE B 263 11.48 18.60 -16.90
CA ILE B 263 11.30 18.49 -15.47
C ILE B 263 11.90 19.77 -14.90
N ALA B 264 11.24 20.32 -13.90
CA ALA B 264 11.73 21.54 -13.26
C ALA B 264 11.15 21.55 -11.87
N SER B 265 11.68 22.43 -11.02
CA SER B 265 11.20 22.57 -9.63
C SER B 265 11.20 21.28 -8.79
N TYR B 266 12.21 20.44 -8.96
CA TYR B 266 12.28 19.18 -8.24
C TYR B 266 12.73 19.27 -6.77
N ARG B 267 12.05 18.52 -5.90
CA ARG B 267 12.43 18.44 -4.49
C ARG B 267 11.94 17.10 -4.00
N GLN B 268 12.63 16.53 -3.02
CA GLN B 268 12.19 15.26 -2.51
C GLN B 268 11.76 15.50 -1.08
N GLU B 269 10.67 14.84 -0.67
CA GLU B 269 10.10 14.97 0.66
C GLU B 269 9.89 13.56 1.11
N GLY B 270 10.75 13.07 1.99
CA GLY B 270 10.64 11.68 2.38
C GLY B 270 10.82 10.84 1.13
N PRO B 271 9.98 9.81 0.94
CA PRO B 271 10.12 8.91 -0.21
C PRO B 271 9.50 9.39 -1.50
N GLN B 272 8.97 10.61 -1.49
CA GLN B 272 8.31 11.16 -2.65
C GLN B 272 9.04 12.33 -3.30
N GLY B 273 8.89 12.40 -4.62
CA GLY B 273 9.43 13.50 -5.40
C GLY B 273 8.30 14.41 -5.87
N HIS B 274 8.58 15.70 -5.94
CA HIS B 274 7.64 16.72 -6.39
C HIS B 274 8.32 17.51 -7.47
N PHE B 275 7.65 17.68 -8.60
CA PHE B 275 8.26 18.41 -9.70
C PHE B 275 7.20 18.76 -10.72
N THR B 276 7.52 19.66 -11.62
CA THR B 276 6.60 20.02 -12.69
C THR B 276 7.07 19.40 -14.00
N LEU B 277 6.15 19.19 -14.92
CA LEU B 277 6.52 18.77 -16.25
C LEU B 277 5.94 19.75 -17.24
N ARG B 278 6.78 20.20 -18.16
CA ARG B 278 6.40 21.10 -19.22
C ARG B 278 6.35 20.29 -20.54
N ARG B 279 5.19 20.26 -21.17
CA ARG B 279 4.99 19.55 -22.43
C ARG B 279 4.48 20.46 -23.56
N GLN B 280 4.90 20.19 -24.79
CA GLN B 280 4.43 20.98 -25.94
C GLN B 280 2.89 20.89 -26.04
N ASP B 281 2.26 22.05 -26.22
CA ASP B 281 0.80 22.19 -26.38
C ASP B 281 -0.08 21.72 -25.21
N LYS B 282 0.48 21.67 -24.01
CA LYS B 282 -0.30 21.29 -22.85
C LYS B 282 0.03 22.21 -21.74
N PRO B 283 -0.88 22.31 -20.76
CA PRO B 283 -0.59 23.15 -19.62
C PRO B 283 0.41 22.41 -18.72
N LEU B 284 1.09 23.20 -17.88
CA LEU B 284 2.07 22.69 -16.97
C LEU B 284 1.39 21.82 -15.93
N ILE B 285 1.95 20.66 -15.62
CA ILE B 285 1.38 19.79 -14.58
C ILE B 285 2.32 19.61 -13.41
N GLU B 286 1.73 19.60 -12.22
CA GLU B 286 2.45 19.40 -10.98
C GLU B 286 2.41 17.91 -10.72
N VAL B 287 3.56 17.26 -10.61
CA VAL B 287 3.56 15.83 -10.39
C VAL B 287 4.06 15.48 -9.00
N THR B 288 3.37 14.57 -8.35
CA THR B 288 3.83 14.02 -7.08
C THR B 288 4.14 12.56 -7.40
N LEU B 289 5.40 12.16 -7.23
CA LEU B 289 5.83 10.81 -7.55
C LEU B 289 6.15 9.95 -6.33
N ASN B 290 5.52 8.79 -6.25
CA ASN B 290 5.79 7.88 -5.13
C ASN B 290 7.07 7.04 -5.40
N ALA B 291 8.20 7.72 -5.51
CA ALA B 291 9.50 7.11 -5.74
C ALA B 291 10.51 8.25 -5.53
N PRO B 292 11.61 7.96 -4.82
CA PRO B 292 12.61 9.01 -4.53
C PRO B 292 13.70 9.23 -5.56
N GLY B 293 14.31 10.41 -5.49
CA GLY B 293 15.44 10.83 -6.31
C GLY B 293 15.17 11.47 -7.66
N ARG B 294 16.11 12.30 -8.10
CA ARG B 294 16.02 12.89 -9.42
C ARG B 294 16.03 11.83 -10.53
N HIS B 295 16.70 10.71 -10.27
CA HIS B 295 16.79 9.66 -11.29
C HIS B 295 15.40 9.06 -11.59
N ASN B 296 14.56 8.96 -10.57
CA ASN B 296 13.20 8.45 -10.77
C ASN B 296 12.28 9.51 -11.37
N ALA B 297 12.63 10.79 -11.20
CA ALA B 297 11.86 11.84 -11.85
C ALA B 297 12.14 11.69 -13.35
N LEU B 298 13.39 11.38 -13.69
CA LEU B 298 13.73 11.19 -15.09
C LEU B 298 12.96 9.98 -15.67
N ASN B 299 12.90 8.88 -14.95
CA ASN B 299 12.17 7.70 -15.39
C ASN B 299 10.68 7.97 -15.56
N ALA B 300 10.12 8.72 -14.62
CA ALA B 300 8.73 9.10 -14.66
C ALA B 300 8.48 9.99 -15.89
N ALA B 301 9.42 10.88 -16.20
CA ALA B 301 9.27 11.77 -17.36
C ALA B 301 9.20 10.96 -18.65
N ALA B 302 10.01 9.92 -18.76
CA ALA B 302 9.97 9.07 -19.96
C ALA B 302 8.57 8.47 -20.07
N ALA B 303 8.10 7.89 -18.97
CA ALA B 303 6.77 7.30 -18.90
C ALA B 303 5.67 8.29 -19.33
N VAL B 304 5.70 9.51 -18.78
CA VAL B 304 4.72 10.54 -19.13
C VAL B 304 4.81 10.96 -20.61
N ALA B 305 6.02 10.99 -21.16
CA ALA B 305 6.21 11.34 -22.55
C ALA B 305 5.49 10.32 -23.46
N VAL B 306 5.69 9.04 -23.17
CA VAL B 306 5.03 7.97 -23.89
C VAL B 306 3.50 8.05 -23.74
N ALA B 307 3.02 8.10 -22.50
CA ALA B 307 1.59 8.15 -22.19
C ALA B 307 0.87 9.33 -22.86
N THR B 308 1.52 10.49 -22.86
CA THR B 308 0.95 11.69 -23.48
C THR B 308 0.78 11.46 -24.97
N GLU B 309 1.81 10.95 -25.63
CA GLU B 309 1.74 10.68 -27.06
C GLU B 309 0.64 9.64 -27.34
N GLU B 310 0.33 8.81 -26.35
CA GLU B 310 -0.70 7.79 -26.54
C GLU B 310 -2.10 8.38 -26.35
N GLY B 311 -2.19 9.56 -25.76
CA GLY B 311 -3.50 10.17 -25.55
C GLY B 311 -4.11 9.82 -24.20
N ILE B 312 -3.29 9.32 -23.27
CA ILE B 312 -3.79 9.02 -21.93
C ILE B 312 -4.01 10.35 -21.18
N GLU B 313 -5.13 10.43 -20.47
CA GLU B 313 -5.53 11.64 -19.72
C GLU B 313 -4.56 11.98 -18.59
N ASP B 314 -4.32 13.26 -18.37
CA ASP B 314 -3.41 13.68 -17.30
C ASP B 314 -3.78 13.09 -15.94
N GLU B 315 -5.06 13.08 -15.65
CA GLU B 315 -5.54 12.58 -14.37
C GLU B 315 -5.15 11.11 -14.15
N ASP B 316 -5.21 10.28 -15.19
CA ASP B 316 -4.80 8.88 -15.06
C ASP B 316 -3.30 8.80 -14.81
N ILE B 317 -2.55 9.61 -15.58
CA ILE B 317 -1.13 9.66 -15.41
C ILE B 317 -0.80 10.07 -13.97
N LEU B 318 -1.44 11.14 -13.47
CA LEU B 318 -1.11 11.60 -12.12
C LEU B 318 -1.51 10.66 -11.01
N ARG B 319 -2.70 10.05 -11.13
CA ARG B 319 -3.14 9.10 -10.11
C ARG B 319 -2.19 7.92 -10.06
N ALA B 320 -1.78 7.42 -11.23
CA ALA B 320 -0.84 6.29 -11.32
C ALA B 320 0.49 6.61 -10.64
N LEU B 321 1.07 7.76 -10.96
CA LEU B 321 2.35 8.11 -10.39
C LEU B 321 2.33 8.40 -8.89
N VAL B 322 1.23 8.92 -8.36
CA VAL B 322 1.21 9.23 -6.93
C VAL B 322 0.99 7.95 -6.15
N GLY B 323 0.39 6.93 -6.79
CA GLY B 323 0.14 5.62 -6.16
C GLY B 323 1.16 4.54 -6.51
N PHE B 324 2.15 4.88 -7.35
CA PHE B 324 3.21 3.94 -7.78
C PHE B 324 3.75 3.09 -6.62
N GLN B 325 3.77 1.77 -6.82
CA GLN B 325 4.21 0.83 -5.78
C GLN B 325 5.64 0.32 -5.91
N GLY B 326 6.33 0.73 -6.96
CA GLY B 326 7.71 0.36 -7.17
C GLY B 326 7.93 -1.06 -7.63
N THR B 327 9.17 -1.50 -7.54
CA THR B 327 9.52 -2.85 -7.97
C THR B 327 10.44 -3.43 -6.89
N GLY B 328 10.46 -4.76 -6.77
CA GLY B 328 11.31 -5.43 -5.78
C GLY B 328 12.78 -5.04 -5.81
N ARG B 329 13.33 -4.74 -4.64
CA ARG B 329 14.77 -4.40 -4.48
C ARG B 329 15.18 -3.04 -5.07
N ARG B 330 14.24 -2.16 -5.46
CA ARG B 330 14.58 -0.80 -5.96
C ARG B 330 14.12 0.21 -4.90
N PHE B 331 15.07 0.69 -4.10
CA PHE B 331 14.85 1.57 -2.95
C PHE B 331 13.61 1.02 -2.28
N ASP B 332 13.74 -0.22 -1.82
CA ASP B 332 12.65 -0.99 -1.25
C ASP B 332 12.69 -0.87 0.26
N PHE B 333 11.77 -0.07 0.81
CA PHE B 333 11.70 0.16 2.24
C PHE B 333 11.16 -1.08 2.91
N LEU B 334 11.98 -1.69 3.76
CA LEU B 334 11.60 -2.92 4.43
C LEU B 334 11.09 -2.71 5.87
N GLY B 335 11.31 -1.53 6.43
CA GLY B 335 10.84 -1.25 7.78
C GLY B 335 11.68 -0.23 8.54
N ASN B 336 11.20 0.15 9.73
CA ASN B 336 11.88 1.09 10.61
C ASN B 336 11.75 0.46 11.98
N PHE B 337 12.80 -0.26 12.38
CA PHE B 337 12.78 -1.05 13.60
C PHE B 337 13.50 -0.45 14.79
N PRO B 338 12.96 -0.71 16.00
CA PRO B 338 13.53 -0.24 17.26
C PRO B 338 14.80 -1.01 17.61
N LEU B 339 15.81 -0.30 18.09
CA LEU B 339 17.07 -0.93 18.46
C LEU B 339 17.07 -1.63 19.82
N ALA B 340 16.14 -1.27 20.70
CA ALA B 340 16.07 -1.87 22.04
C ALA B 340 16.49 -3.35 22.11
N PRO B 341 15.81 -4.24 21.35
CA PRO B 341 16.19 -5.66 21.41
C PRO B 341 17.35 -6.05 20.48
N VAL B 342 17.81 -5.09 19.66
CA VAL B 342 18.90 -5.33 18.73
C VAL B 342 20.26 -5.12 19.41
N ASN B 343 20.44 -3.97 20.06
CA ASN B 343 21.70 -3.72 20.77
C ASN B 343 21.46 -2.97 22.08
N GLY B 344 20.24 -3.07 22.60
CA GLY B 344 19.91 -2.41 23.85
C GLY B 344 19.95 -0.90 23.81
N LYS B 345 19.91 -0.32 22.60
CA LYS B 345 19.92 1.12 22.44
C LYS B 345 18.51 1.63 22.18
N GLU B 346 18.34 2.93 22.39
CA GLU B 346 17.05 3.57 22.17
C GLU B 346 16.90 4.05 20.73
N GLY B 347 15.66 4.29 20.32
CA GLY B 347 15.39 4.76 18.97
C GLY B 347 15.28 3.64 17.95
N SER B 348 15.15 4.01 16.68
CA SER B 348 15.01 3.03 15.59
C SER B 348 15.86 3.33 14.36
N ALA B 349 15.97 2.32 13.48
CA ALA B 349 16.75 2.41 12.25
C ALA B 349 15.94 1.86 11.06
N MET B 350 15.92 2.64 9.99
CA MET B 350 15.23 2.29 8.77
C MET B 350 16.04 1.27 7.99
N LEU B 351 15.35 0.43 7.22
CA LEU B 351 15.97 -0.60 6.42
C LEU B 351 15.48 -0.48 4.98
N VAL B 352 16.42 -0.20 4.08
CA VAL B 352 16.12 -0.07 2.67
C VAL B 352 17.04 -1.02 1.93
N ASP B 353 16.47 -1.75 0.99
CA ASP B 353 17.19 -2.72 0.19
C ASP B 353 17.24 -2.21 -1.24
N ASP B 354 18.41 -2.27 -1.89
CA ASP B 354 18.55 -1.82 -3.28
C ASP B 354 19.52 -2.73 -4.04
N TYR B 355 19.07 -3.13 -5.23
N TYR B 355 19.14 -3.21 -5.21
CA TYR B 355 19.79 -4.03 -6.14
CA TYR B 355 20.04 -4.13 -5.90
C TYR B 355 21.02 -3.43 -6.82
C TYR B 355 21.14 -3.44 -6.72
N GLY B 356 21.13 -2.10 -6.79
CA GLY B 356 22.18 -1.40 -7.49
C GLY B 356 23.63 -1.86 -7.25
N HIS B 357 24.36 -2.18 -8.32
N HIS B 357 24.31 -2.16 -8.35
CA HIS B 357 25.75 -2.56 -8.17
CA HIS B 357 25.66 -2.69 -8.36
C HIS B 357 26.73 -1.80 -9.08
C HIS B 357 26.69 -1.82 -9.10
N HIS B 358 26.21 -0.92 -9.93
CA HIS B 358 27.06 -0.06 -10.74
C HIS B 358 27.17 1.24 -9.92
N PRO B 359 28.37 1.86 -9.90
CA PRO B 359 28.61 3.06 -9.12
C PRO B 359 27.56 4.13 -9.34
N THR B 360 27.09 4.29 -10.56
CA THR B 360 26.02 5.29 -10.88
C THR B 360 24.73 4.98 -10.09
N GLU B 361 24.41 3.70 -9.97
CA GLU B 361 23.22 3.23 -9.26
C GLU B 361 23.38 3.37 -7.74
N VAL B 362 24.55 3.02 -7.24
CA VAL B 362 24.85 3.16 -5.82
C VAL B 362 24.78 4.65 -5.48
N ASP B 363 25.34 5.49 -6.35
CA ASP B 363 25.35 6.95 -6.13
C ASP B 363 23.90 7.49 -6.13
N ALA B 364 23.07 7.07 -7.09
CA ALA B 364 21.67 7.53 -7.11
C ALA B 364 20.93 7.05 -5.85
N THR B 365 21.24 5.87 -5.36
CA THR B 365 20.60 5.40 -4.13
C THR B 365 21.01 6.26 -2.91
N ILE B 366 22.29 6.59 -2.80
CA ILE B 366 22.78 7.41 -1.69
C ILE B 366 22.20 8.82 -1.73
N LYS B 367 22.07 9.40 -2.93
CA LYS B 367 21.53 10.76 -3.03
C LYS B 367 20.06 10.80 -2.65
N ALA B 368 19.32 9.76 -3.04
CA ALA B 368 17.90 9.66 -2.69
C ALA B 368 17.71 9.54 -1.18
N ALA B 369 18.65 8.86 -0.51
CA ALA B 369 18.63 8.65 0.93
C ALA B 369 18.89 9.96 1.70
N ARG B 370 19.96 10.66 1.33
CA ARG B 370 20.33 11.96 1.92
C ARG B 370 19.26 13.02 1.70
N ALA B 371 18.68 13.09 0.50
CA ALA B 371 17.64 14.07 0.18
C ALA B 371 16.28 13.72 0.85
N GLY B 372 15.96 12.45 0.98
CA GLY B 372 14.69 12.11 1.62
C GLY B 372 14.71 12.23 3.14
N TRP B 373 15.83 11.87 3.77
CA TRP B 373 15.98 11.92 5.24
C TRP B 373 17.33 12.54 5.60
N PRO B 374 17.45 13.86 5.46
CA PRO B 374 18.65 14.66 5.69
C PRO B 374 19.27 14.64 7.11
N ASP B 375 18.52 14.25 8.13
CA ASP B 375 19.09 14.24 9.47
C ASP B 375 19.48 12.83 9.87
N LYS B 376 19.27 11.87 8.98
CA LYS B 376 19.61 10.49 9.26
C LYS B 376 21.05 10.19 8.86
N ARG B 377 21.69 9.33 9.62
CA ARG B 377 23.04 8.86 9.37
C ARG B 377 22.99 7.67 8.35
N ILE B 378 23.74 7.75 7.27
CA ILE B 378 23.68 6.70 6.26
C ILE B 378 24.66 5.56 6.52
N VAL B 379 24.13 4.40 6.89
CA VAL B 379 24.92 3.20 7.15
C VAL B 379 24.73 2.22 5.99
N MET B 380 25.78 1.92 5.23
CA MET B 380 25.65 1.01 4.10
C MET B 380 26.38 -0.32 4.20
N LEU B 381 25.69 -1.38 3.86
CA LEU B 381 26.28 -2.71 3.81
C LEU B 381 26.30 -3.00 2.34
N PHE B 382 27.49 -3.09 1.77
CA PHE B 382 27.64 -3.29 0.37
C PHE B 382 28.44 -4.52 0.00
N GLN B 383 28.03 -5.18 -1.07
CA GLN B 383 28.77 -6.30 -1.59
C GLN B 383 28.98 -6.01 -3.06
N PRO B 384 30.24 -5.87 -3.49
CA PRO B 384 30.52 -5.63 -4.89
C PRO B 384 30.19 -6.88 -5.71
N HIS B 385 29.76 -6.70 -6.94
CA HIS B 385 29.39 -7.83 -7.79
C HIS B 385 30.43 -7.97 -8.89
N ARG B 386 31.12 -9.11 -8.92
CA ARG B 386 32.17 -9.44 -9.89
C ARG B 386 33.50 -8.72 -9.67
N TYR B 387 34.59 -9.46 -9.91
CA TYR B 387 35.95 -8.91 -9.80
C TYR B 387 36.20 -8.00 -10.99
N THR B 388 35.77 -8.45 -12.17
CA THR B 388 35.96 -7.68 -13.39
C THR B 388 35.38 -6.28 -13.26
N ARG B 389 34.14 -6.20 -12.79
CA ARG B 389 33.47 -4.91 -12.61
C ARG B 389 34.20 -4.06 -11.54
N THR B 390 34.67 -4.71 -10.47
CA THR B 390 35.35 -3.97 -9.43
C THR B 390 36.63 -3.34 -10.01
N ARG B 391 37.43 -4.07 -10.79
CA ARG B 391 38.66 -3.45 -11.31
C ARG B 391 38.33 -2.37 -12.36
N ASP B 392 37.45 -2.66 -13.30
CA ASP B 392 37.07 -1.70 -14.35
C ASP B 392 36.52 -0.37 -13.81
N LEU B 393 35.69 -0.42 -12.77
CA LEU B 393 35.12 0.82 -12.25
C LEU B 393 35.63 1.13 -10.84
N TYR B 394 36.79 0.56 -10.50
CA TYR B 394 37.45 0.72 -9.21
C TYR B 394 37.39 2.12 -8.61
N ASP B 395 37.88 3.11 -9.34
CA ASP B 395 37.92 4.49 -8.86
C ASP B 395 36.54 5.12 -8.64
N ASP B 396 35.56 4.73 -9.45
CA ASP B 396 34.22 5.27 -9.28
C ASP B 396 33.62 4.66 -8.02
N PHE B 397 33.90 3.38 -7.77
CA PHE B 397 33.40 2.76 -6.54
C PHE B 397 33.98 3.47 -5.33
N ALA B 398 35.28 3.72 -5.34
CA ALA B 398 35.95 4.36 -4.23
C ALA B 398 35.33 5.74 -3.90
N ASN B 399 35.15 6.56 -4.94
CA ASN B 399 34.57 7.88 -4.76
C ASN B 399 33.09 7.83 -4.34
N VAL B 400 32.29 6.95 -4.95
CA VAL B 400 30.89 6.89 -4.59
C VAL B 400 30.62 6.36 -3.17
N LEU B 401 31.29 5.27 -2.80
CA LEU B 401 31.08 4.65 -1.49
C LEU B 401 31.53 5.53 -0.32
N SER B 402 32.43 6.48 -0.61
CA SER B 402 32.97 7.41 0.36
C SER B 402 31.94 8.39 0.87
N GLN B 403 30.83 8.52 0.16
CA GLN B 403 29.79 9.48 0.53
C GLN B 403 29.01 9.12 1.78
N VAL B 404 29.03 7.85 2.16
CA VAL B 404 28.25 7.36 3.29
C VAL B 404 28.93 7.69 4.62
N ASP B 405 28.16 7.61 5.71
CA ASP B 405 28.69 7.92 7.05
C ASP B 405 29.35 6.70 7.74
N VAL B 406 28.88 5.50 7.42
CA VAL B 406 29.40 4.22 7.93
C VAL B 406 29.30 3.19 6.79
N LEU B 407 30.40 2.56 6.45
CA LEU B 407 30.43 1.59 5.39
C LEU B 407 30.90 0.22 5.88
N LEU B 408 30.11 -0.80 5.60
CA LEU B 408 30.50 -2.17 5.87
C LEU B 408 30.51 -2.84 4.53
N MET B 409 31.57 -3.57 4.24
CA MET B 409 31.71 -4.25 2.97
C MET B 409 31.93 -5.74 3.06
N LEU B 410 31.14 -6.47 2.29
CA LEU B 410 31.26 -7.90 2.20
C LEU B 410 32.28 -8.15 1.09
N ASP B 411 32.80 -9.36 1.02
CA ASP B 411 33.74 -9.69 -0.05
C ASP B 411 32.94 -9.80 -1.34
N VAL B 412 33.64 -9.56 -2.44
CA VAL B 412 33.09 -9.63 -3.78
C VAL B 412 32.28 -10.88 -4.13
N TYR B 413 31.11 -10.69 -4.72
CA TYR B 413 30.31 -11.82 -5.16
C TYR B 413 30.98 -12.15 -6.49
N ALA B 414 31.59 -13.31 -6.55
CA ALA B 414 32.35 -13.73 -7.72
C ALA B 414 31.52 -13.97 -8.96
N ALA B 415 30.37 -14.62 -8.78
CA ALA B 415 29.52 -14.96 -9.93
C ALA B 415 30.31 -15.82 -10.91
N GLY B 416 31.07 -16.78 -10.37
CA GLY B 416 31.88 -17.70 -11.17
C GLY B 416 33.24 -17.20 -11.65
N GLU B 417 33.58 -15.94 -11.37
CA GLU B 417 34.87 -15.39 -11.81
C GLU B 417 36.05 -15.72 -10.90
N PRO B 418 37.27 -15.66 -11.45
CA PRO B 418 38.48 -15.88 -10.65
C PRO B 418 38.90 -14.54 -10.05
N PRO B 419 39.45 -14.54 -8.82
CA PRO B 419 39.83 -13.29 -8.17
C PRO B 419 40.87 -12.51 -8.94
N ILE B 420 40.77 -11.19 -8.91
CA ILE B 420 41.72 -10.32 -9.60
C ILE B 420 42.48 -9.53 -8.53
N PRO B 421 43.82 -9.64 -8.53
CA PRO B 421 44.64 -8.92 -7.54
C PRO B 421 44.35 -7.44 -7.56
N GLY B 422 44.16 -6.86 -6.38
CA GLY B 422 43.88 -5.42 -6.24
C GLY B 422 42.44 -5.01 -6.53
N ALA B 423 41.59 -5.97 -6.84
CA ALA B 423 40.20 -5.66 -7.17
C ALA B 423 39.24 -6.34 -6.20
N ASP B 424 39.66 -6.49 -4.95
CA ASP B 424 38.80 -7.12 -3.97
C ASP B 424 38.31 -6.08 -2.96
N SER B 425 37.41 -6.50 -2.07
CA SER B 425 36.84 -5.59 -1.09
C SER B 425 37.86 -5.00 -0.14
N ARG B 426 38.83 -5.82 0.26
CA ARG B 426 39.87 -5.36 1.16
C ARG B 426 40.64 -4.20 0.52
N ALA B 427 41.09 -4.38 -0.73
CA ALA B 427 41.80 -3.32 -1.44
C ALA B 427 40.96 -2.03 -1.57
N LEU B 428 39.69 -2.17 -1.96
CA LEU B 428 38.80 -1.02 -2.11
C LEU B 428 38.66 -0.30 -0.78
N CYS B 429 38.51 -1.08 0.29
N CYS B 429 38.48 -1.05 0.31
CA CYS B 429 38.41 -0.53 1.66
CA CYS B 429 38.37 -0.43 1.63
C CYS B 429 39.63 0.34 1.99
C CYS B 429 39.63 0.38 1.98
N ARG B 430 40.81 -0.12 1.61
CA ARG B 430 42.05 0.63 1.90
C ARG B 430 42.10 1.94 1.15
N THR B 431 41.75 1.92 -0.13
CA THR B 431 41.75 3.12 -0.95
C THR B 431 40.84 4.16 -0.32
N ILE B 432 39.66 3.74 0.09
CA ILE B 432 38.70 4.61 0.75
C ILE B 432 39.28 5.14 2.08
N ARG B 433 39.76 4.24 2.92
CA ARG B 433 40.33 4.64 4.21
C ARG B 433 41.48 5.65 4.07
N ASN B 434 42.34 5.45 3.07
CA ASN B 434 43.46 6.37 2.83
C ASN B 434 42.97 7.80 2.49
N ARG B 435 41.71 7.95 2.09
CA ARG B 435 41.16 9.27 1.75
C ARG B 435 41.03 10.15 3.01
N GLY B 436 40.90 9.53 4.18
CA GLY B 436 40.87 10.26 5.44
C GLY B 436 39.55 10.67 6.07
N LYS B 437 38.48 9.96 5.76
CA LYS B 437 37.17 10.28 6.35
C LYS B 437 36.53 9.00 6.92
N LEU B 438 36.36 7.98 6.07
CA LEU B 438 35.76 6.73 6.51
C LEU B 438 36.76 5.69 6.96
N ASP B 439 36.27 4.77 7.78
CA ASP B 439 37.05 3.65 8.24
C ASP B 439 36.11 2.47 8.00
N PRO B 440 36.09 1.96 6.77
CA PRO B 440 35.17 0.87 6.50
C PRO B 440 35.47 -0.39 7.28
N ILE B 441 34.42 -1.16 7.55
CA ILE B 441 34.48 -2.40 8.29
C ILE B 441 34.28 -3.58 7.35
N LEU B 442 35.27 -4.44 7.21
CA LEU B 442 35.12 -5.63 6.38
C LEU B 442 34.26 -6.64 7.11
N VAL B 443 33.39 -7.31 6.38
CA VAL B 443 32.54 -8.32 6.99
C VAL B 443 32.94 -9.67 6.38
N PRO B 444 33.53 -10.57 7.21
CA PRO B 444 34.06 -11.89 6.83
C PRO B 444 33.14 -12.76 5.99
N ASP B 445 31.84 -12.75 6.28
CA ASP B 445 30.87 -13.54 5.48
C ASP B 445 29.42 -13.15 5.79
N SER B 446 28.51 -13.73 5.02
CA SER B 446 27.07 -13.45 5.14
C SER B 446 26.45 -13.63 6.54
N GLU B 447 26.79 -14.74 7.21
CA GLU B 447 26.24 -15.00 8.55
C GLU B 447 26.70 -14.00 9.61
N SER B 448 27.87 -13.39 9.42
CA SER B 448 28.40 -12.40 10.35
C SER B 448 27.74 -11.02 10.22
N ALA B 449 27.26 -10.71 9.02
CA ALA B 449 26.67 -9.39 8.74
C ALA B 449 25.70 -8.85 9.80
N PRO B 450 24.67 -9.62 10.15
CA PRO B 450 23.71 -9.12 11.15
C PRO B 450 24.36 -8.65 12.45
N GLU B 451 25.27 -9.47 12.98
CA GLU B 451 25.95 -9.15 14.21
C GLU B 451 26.76 -7.86 14.11
N MET B 452 27.63 -7.81 13.11
CA MET B 452 28.52 -6.65 12.94
C MET B 452 27.77 -5.36 12.68
N LEU B 453 26.60 -5.47 12.07
CA LEU B 453 25.78 -4.31 11.79
C LEU B 453 25.13 -3.87 13.10
N ALA B 454 24.59 -4.84 13.83
CA ALA B 454 23.93 -4.55 15.11
C ALA B 454 24.83 -3.77 16.06
N GLN B 455 26.11 -4.13 16.09
CA GLN B 455 27.06 -3.45 16.98
C GLN B 455 27.21 -1.96 16.75
N ILE B 456 27.12 -1.50 15.51
CA ILE B 456 27.35 -0.08 15.26
C ILE B 456 26.09 0.76 15.11
N LEU B 457 24.95 0.13 14.92
CA LEU B 457 23.70 0.87 14.74
C LEU B 457 23.37 1.87 15.82
N ASN B 458 23.02 3.08 15.40
CA ASN B 458 22.59 4.14 16.30
C ASN B 458 21.15 4.51 15.93
N GLY B 459 20.42 5.08 16.88
CA GLY B 459 19.05 5.51 16.65
C GLY B 459 19.07 6.59 15.58
N GLU B 460 18.07 6.57 14.71
CA GLU B 460 17.97 7.51 13.59
C GLU B 460 18.95 7.14 12.47
N ASP B 461 19.22 5.85 12.31
CA ASP B 461 20.07 5.42 11.23
C ASP B 461 19.19 5.05 10.04
N LEU B 462 19.72 5.20 8.84
CA LEU B 462 19.00 4.77 7.62
C LEU B 462 19.99 3.77 7.02
N ILE B 463 19.63 2.50 7.05
CA ILE B 463 20.52 1.45 6.53
C ILE B 463 20.21 1.10 5.08
N LEU B 464 21.22 1.16 4.23
CA LEU B 464 21.08 0.76 2.82
C LEU B 464 21.78 -0.57 2.67
N VAL B 465 21.06 -1.63 2.27
CA VAL B 465 21.66 -2.95 2.04
C VAL B 465 21.78 -2.95 0.55
N GLN B 466 23.01 -2.90 0.04
CA GLN B 466 23.21 -2.64 -1.38
C GLN B 466 23.98 -3.67 -2.21
N GLY B 467 23.44 -4.01 -3.38
CA GLY B 467 24.08 -4.91 -4.37
C GLY B 467 23.29 -6.13 -4.79
N ALA B 468 23.87 -6.96 -5.66
CA ALA B 468 23.23 -8.21 -6.08
C ALA B 468 23.91 -9.34 -5.33
N GLY B 469 23.87 -10.56 -5.86
CA GLY B 469 24.52 -11.69 -5.20
C GLY B 469 23.86 -12.19 -3.92
N ASN B 470 24.63 -12.20 -2.84
CA ASN B 470 24.12 -12.66 -1.56
C ASN B 470 23.34 -11.59 -0.83
N ILE B 471 23.61 -10.32 -1.15
CA ILE B 471 22.95 -9.20 -0.50
C ILE B 471 21.44 -9.34 -0.34
N GLY B 472 20.80 -9.88 -1.36
CA GLY B 472 19.35 -10.07 -1.31
C GLY B 472 18.86 -10.81 -0.08
N LYS B 473 19.45 -11.98 0.17
CA LYS B 473 19.09 -12.81 1.34
C LYS B 473 19.30 -12.08 2.63
N ILE B 474 20.49 -11.52 2.80
CA ILE B 474 20.84 -10.76 3.99
C ILE B 474 19.75 -9.75 4.29
N ALA B 475 19.32 -9.04 3.25
CA ALA B 475 18.29 -8.03 3.39
C ALA B 475 16.95 -8.61 3.89
N ARG B 476 16.48 -9.69 3.25
CA ARG B 476 15.23 -10.31 3.68
C ARG B 476 15.37 -10.78 5.13
N LYS B 477 16.47 -11.48 5.44
CA LYS B 477 16.71 -11.99 6.81
C LYS B 477 16.80 -10.87 7.83
N LEU B 478 17.33 -9.71 7.46
CA LEU B 478 17.40 -8.61 8.39
C LEU B 478 15.99 -8.08 8.65
N ALA B 479 15.15 -8.12 7.62
CA ALA B 479 13.77 -7.65 7.74
C ALA B 479 12.92 -8.60 8.61
N GLU B 480 13.03 -9.92 8.38
CA GLU B 480 12.25 -10.89 9.17
C GLU B 480 12.52 -10.71 10.65
N HIS B 481 13.79 -10.81 11.00
CA HIS B 481 14.25 -10.74 12.37
C HIS B 481 14.32 -9.33 12.94
N LYS B 482 13.85 -8.34 12.18
CA LYS B 482 13.82 -6.93 12.63
C LYS B 482 15.17 -6.45 13.14
N LEU B 483 16.20 -6.70 12.35
CA LEU B 483 17.60 -6.32 12.67
C LEU B 483 18.22 -7.18 13.79
N GLN B 484 17.39 -7.87 14.56
CA GLN B 484 17.84 -8.71 15.67
C GLN B 484 18.78 -9.84 15.22
N PRO B 485 20.04 -9.83 15.71
CA PRO B 485 21.01 -10.85 15.32
C PRO B 485 20.50 -12.24 15.68
N GLN B 486 20.58 -13.17 14.73
CA GLN B 486 20.05 -14.49 14.96
C GLN B 486 20.64 -15.51 14.00
P AMP C . -17.41 6.14 13.34
O1P AMP C . -17.52 6.36 11.85
O2P AMP C . -16.52 4.97 13.67
O3P AMP C . -18.69 6.18 14.13
O5' AMP C . -16.78 7.53 13.86
C5' AMP C . -16.24 7.60 15.19
C4' AMP C . -15.24 8.75 15.25
O4' AMP C . -15.68 9.83 14.42
C3' AMP C . -15.17 9.32 16.65
O3' AMP C . -13.90 9.93 16.88
C2' AMP C . -16.22 10.42 16.67
O2' AMP C . -15.80 11.51 17.51
C1' AMP C . -16.28 10.87 15.24
N9 AMP C . -17.64 11.09 14.73
C8 AMP C . -18.71 10.28 14.86
N7 AMP C . -19.76 10.82 14.19
C5 AMP C . -19.31 11.97 13.65
C6 AMP C . -19.92 13.01 12.80
N6 AMP C . -21.23 12.93 12.45
N1 AMP C . -19.16 14.07 12.42
C2 AMP C . -17.87 14.15 12.80
N3 AMP C . -17.28 13.21 13.56
C4 AMP C . -17.98 12.13 13.98
C1 BME D . 9.10 17.02 23.44
C2 BME D . 9.19 18.13 22.40
O1 BME D . 9.55 17.55 24.69
S2 BME D . 7.81 19.27 22.66
P AMP E . 16.23 -0.35 -12.50
O1P AMP E . 14.94 0.41 -12.55
O2P AMP E . 17.02 -0.30 -13.76
O3P AMP E . 16.21 -1.79 -11.97
O5' AMP E . 17.08 0.54 -11.42
C5' AMP E . 17.98 -0.09 -10.51
C4' AMP E . 19.14 0.76 -10.02
O4' AMP E . 19.51 1.77 -10.95
C3' AMP E . 18.83 1.42 -8.67
O3' AMP E . 19.96 1.35 -7.79
C2' AMP E . 18.60 2.86 -9.00
O2' AMP E . 19.16 3.66 -7.97
C1' AMP E . 19.34 3.05 -10.32
N9 AMP E . 18.57 3.85 -11.28
C8 AMP E . 17.28 3.69 -11.64
N7 AMP E . 16.98 4.60 -12.60
C5 AMP E . 18.12 5.30 -12.82
C6 AMP E . 18.51 6.40 -13.70
N6 AMP E . 17.61 6.96 -14.54
N1 AMP E . 19.78 6.85 -13.66
C2 AMP E . 20.67 6.33 -12.82
N3 AMP E . 20.37 5.32 -12.00
C4 AMP E . 19.11 4.81 -12.00
C1 BME F . 40.26 -2.51 7.70
C2 BME F . 40.45 -2.55 6.19
O1 BME F . 39.19 -3.40 8.06
S2 BME F . 39.92 -0.96 5.48
#